data_5XPJ
#
_entry.id   5XPJ
#
_cell.length_a   54.200
_cell.length_b   137.600
_cell.length_c   54.200
_cell.angle_alpha   90.00
_cell.angle_beta   109.50
_cell.angle_gamma   90.00
#
_symmetry.space_group_name_H-M   'P 1 21 1'
#
loop_
_entity.id
_entity.type
_entity.pdbx_description
1 polymer 'Binding protein component of ABC sugar transporter'
2 water water
#
_entity_poly.entity_id   1
_entity_poly.type   'polypeptide(L)'
_entity_poly.pdbx_seq_one_letter_code
;MGSSHHHHHHSSGLVPRGSHMADNPGTVDVLHWWTSGGEAKAVETLKQQIQKDGFIWKDNAVAGGGGAAAMTVLKTRAIS
GNPPSAAQIKGPDIQEWGALGLLTELDDVAAANKWDDLLPRQVADIMKYDGHYVAVPVNIHRVNWLWINPQVFDKAGAKV
PTTLDELFAAADKLKAAGFIPLAHGGQPWQDSTVFEDLVLSILGPKGYHAAFVDLDEKTLTGPQMTEAFATLKRLGTYMD
PNRAGRDWNIAAAEVINGKAGMQIMGDWAKSEWSAAGKVAGKDYQCVAFPGTQGSFAYNIDSLAMFKLKDANDIKAQNDL
AKVALEPEFQTVFNQNKGSLPVRQDMDMSKFDACTQKSAADFKEAAKGDGLQPSMGMATTLAVQGAIFDVVTNFLNDPQA
EPATAVKQLNAAIKAAR
;
_entity_poly.pdbx_strand_id   A,B
#
# COMPACT_ATOMS: atom_id res chain seq x y z
N ASN A 24 56.73 18.05 -2.74
CA ASN A 24 56.76 17.67 -1.30
C ASN A 24 56.69 16.19 -0.98
N PRO A 25 56.07 15.33 -1.79
CA PRO A 25 55.51 15.47 -3.15
C PRO A 25 54.05 15.96 -3.15
N GLY A 26 53.58 16.22 -1.94
CA GLY A 26 52.23 16.70 -1.68
C GLY A 26 51.64 15.54 -0.88
N THR A 27 50.74 15.84 0.07
CA THR A 27 50.17 14.81 0.93
C THR A 27 48.65 14.73 0.83
N VAL A 28 48.16 13.50 0.79
CA VAL A 28 46.74 13.17 0.81
C VAL A 28 46.46 12.62 2.21
N ASP A 29 45.68 13.38 2.98
CA ASP A 29 45.15 12.94 4.27
C ASP A 29 43.63 12.77 4.17
N VAL A 30 43.14 11.53 4.14
CA VAL A 30 41.70 11.24 4.00
C VAL A 30 41.05 10.76 5.28
N LEU A 31 40.11 11.54 5.83
CA LEU A 31 39.28 11.08 6.96
C LEU A 31 38.08 10.28 6.47
N HIS A 32 38.02 9.00 6.78
CA HIS A 32 36.86 8.21 6.37
C HIS A 32 36.53 7.07 7.35
N TRP A 33 35.37 6.49 7.13
CA TRP A 33 34.90 5.44 7.94
C TRP A 33 34.77 4.12 7.23
N TRP A 34 35.61 3.87 6.25
CA TRP A 34 35.53 2.63 5.53
C TRP A 34 36.41 1.57 6.21
N THR A 35 35.93 1.17 7.37
CA THR A 35 36.63 0.25 8.28
C THR A 35 36.80 -1.19 7.78
N SER A 36 35.79 -1.70 7.07
CA SER A 36 35.70 -3.14 6.73
C SER A 36 36.85 -3.65 5.84
N GLY A 37 37.11 -4.96 5.93
CA GLY A 37 38.11 -5.63 5.12
C GLY A 37 37.86 -5.53 3.62
N GLY A 38 36.58 -5.58 3.22
CA GLY A 38 36.17 -5.43 1.83
C GLY A 38 36.41 -4.03 1.29
N GLU A 39 36.21 -3.04 2.15
CA GLU A 39 36.49 -1.65 1.81
C GLU A 39 37.99 -1.30 1.80
N ALA A 40 38.84 -2.12 2.43
CA ALA A 40 40.30 -1.88 2.41
C ALA A 40 40.92 -2.13 1.03
N LYS A 41 40.37 -3.11 0.33
CA LYS A 41 40.87 -3.49 -0.98
C LYS A 41 40.83 -2.27 -1.90
N ALA A 42 39.66 -1.62 -1.93
CA ALA A 42 39.46 -0.38 -2.66
C ALA A 42 40.32 0.79 -2.15
N VAL A 43 40.26 1.07 -0.85
CA VAL A 43 41.12 2.13 -0.30
C VAL A 43 42.58 1.94 -0.67
N GLU A 44 43.09 0.71 -0.58
CA GLU A 44 44.48 0.38 -0.98
C GLU A 44 44.75 0.71 -2.46
N THR A 45 43.79 0.39 -3.33
CA THR A 45 43.92 0.70 -4.76
C THR A 45 44.08 2.21 -4.98
N LEU A 46 43.47 2.99 -4.08
CA LEU A 46 43.60 4.44 -4.03
C LEU A 46 45.00 4.84 -3.60
N LYS A 47 45.44 4.32 -2.45
CA LYS A 47 46.78 4.60 -1.91
C LYS A 47 47.89 4.30 -2.91
N GLN A 48 47.81 3.13 -3.52
CA GLN A 48 48.92 2.64 -4.37
C GLN A 48 49.10 3.49 -5.63
N GLN A 49 48.03 4.12 -6.08
CA GLN A 49 48.02 4.94 -7.28
C GLN A 49 48.46 6.37 -6.96
N ILE A 50 48.08 6.89 -5.81
CA ILE A 50 48.58 8.18 -5.28
C ILE A 50 50.10 8.11 -5.13
N GLN A 51 50.59 7.04 -4.52
CA GLN A 51 52.03 6.86 -4.36
C GLN A 51 52.72 6.79 -5.70
N LYS A 52 52.24 5.90 -6.57
CA LYS A 52 52.73 5.77 -7.95
C LYS A 52 52.74 7.11 -8.71
N ASP A 53 51.81 8.01 -8.40
CA ASP A 53 51.75 9.33 -9.06
C ASP A 53 52.65 10.36 -8.40
N GLY A 54 53.35 9.95 -7.35
CA GLY A 54 54.41 10.77 -6.74
C GLY A 54 53.97 11.58 -5.54
N PHE A 55 52.96 11.09 -4.81
CA PHE A 55 52.45 11.78 -3.63
C PHE A 55 52.48 10.85 -2.42
N ILE A 56 52.28 11.43 -1.23
CA ILE A 56 52.32 10.67 0.02
C ILE A 56 50.94 10.32 0.52
N TRP A 57 50.77 9.09 1.00
CA TRP A 57 49.53 8.68 1.65
C TRP A 57 49.62 8.70 3.16
N LYS A 58 48.52 9.11 3.78
CA LYS A 58 48.33 9.10 5.21
C LYS A 58 46.81 9.07 5.40
N ASP A 59 46.32 8.30 6.38
CA ASP A 59 44.88 8.25 6.70
C ASP A 59 44.76 8.37 8.24
N ASN A 60 43.55 8.57 8.80
CA ASN A 60 43.24 8.37 10.26
C ASN A 60 41.79 7.80 10.57
N ALA A 61 41.56 6.55 10.14
CA ALA A 61 40.19 5.98 10.00
C ALA A 61 39.43 5.68 11.32
N VAL A 62 38.52 6.60 11.66
CA VAL A 62 37.69 6.50 12.91
C VAL A 62 36.60 5.41 12.70
N ALA A 63 35.95 4.98 13.80
CA ALA A 63 34.74 4.11 13.71
C ALA A 63 33.63 4.48 14.73
N GLY A 64 32.46 3.88 14.52
CA GLY A 64 31.17 4.39 15.01
C GLY A 64 30.39 4.92 13.82
N GLY A 65 30.16 4.01 12.88
CA GLY A 65 29.52 4.27 11.56
C GLY A 65 28.18 4.99 11.63
N GLY A 66 28.01 6.01 10.79
CA GLY A 66 26.87 6.92 10.88
C GLY A 66 27.32 8.39 10.90
N GLY A 67 28.63 8.60 11.00
CA GLY A 67 29.16 9.94 11.15
C GLY A 67 29.38 10.21 12.62
N VAL A 73 35.19 17.08 15.65
CA VAL A 73 36.65 17.26 15.67
C VAL A 73 37.22 17.69 14.32
N LEU A 74 36.60 17.18 13.24
CA LEU A 74 36.87 17.64 11.88
C LEU A 74 36.53 19.11 11.75
N LYS A 75 35.38 19.51 12.29
CA LYS A 75 34.95 20.89 12.26
C LYS A 75 35.98 21.81 12.94
N THR A 76 36.29 21.50 14.21
CA THR A 76 37.15 22.37 15.00
C THR A 76 38.52 22.49 14.33
N ARG A 77 38.96 21.38 13.74
CA ARG A 77 40.21 21.28 13.02
C ARG A 77 40.20 22.05 11.68
N ALA A 78 39.07 22.06 11.00
CA ALA A 78 38.93 22.84 9.75
C ALA A 78 38.57 24.31 9.96
N ILE A 79 37.79 24.62 11.00
CA ILE A 79 37.57 26.02 11.38
C ILE A 79 38.84 26.63 12.00
N SER A 80 39.91 25.82 12.20
CA SER A 80 41.22 26.29 12.71
C SER A 80 42.41 25.99 11.77
N GLY A 81 42.15 25.81 10.49
CA GLY A 81 43.24 25.76 9.49
C GLY A 81 44.09 24.49 9.35
N ASN A 82 43.60 23.38 9.91
CA ASN A 82 44.23 22.07 9.76
C ASN A 82 43.24 21.01 9.21
N PRO A 83 42.59 21.28 8.06
CA PRO A 83 41.72 20.25 7.55
C PRO A 83 42.48 19.03 6.97
N PRO A 84 41.80 17.88 6.86
CA PRO A 84 42.34 16.86 5.97
C PRO A 84 42.11 17.26 4.52
N SER A 85 42.83 16.64 3.59
CA SER A 85 42.57 16.89 2.18
C SER A 85 41.16 16.49 1.83
N ALA A 86 40.67 15.42 2.44
CA ALA A 86 39.31 14.96 2.16
C ALA A 86 38.63 14.35 3.36
N ALA A 87 37.30 14.36 3.34
CA ALA A 87 36.50 13.75 4.41
C ALA A 87 35.21 13.19 3.91
N GLN A 88 34.74 12.16 4.58
CA GLN A 88 33.50 11.52 4.20
C GLN A 88 32.30 12.36 4.70
N ILE A 89 31.55 12.93 3.76
CA ILE A 89 30.40 13.75 4.11
C ILE A 89 29.25 13.52 3.13
N LYS A 90 28.30 12.69 3.52
CA LYS A 90 27.14 12.38 2.68
C LYS A 90 25.92 13.19 3.10
N GLY A 91 24.93 13.27 2.21
CA GLY A 91 23.72 14.00 2.48
C GLY A 91 23.88 15.49 2.24
N PRO A 92 23.18 16.32 3.03
CA PRO A 92 23.22 17.78 2.93
C PRO A 92 24.43 18.36 3.63
N ASP A 93 25.12 17.55 4.44
CA ASP A 93 26.29 18.00 5.17
C ASP A 93 27.32 18.65 4.25
N ILE A 94 27.07 18.56 2.94
CA ILE A 94 27.97 19.15 1.94
C ILE A 94 27.66 20.63 1.75
N GLN A 95 26.37 20.96 1.70
CA GLN A 95 25.98 22.35 1.49
C GLN A 95 26.43 23.18 2.67
N GLU A 96 26.31 22.64 3.88
CA GLU A 96 26.67 23.41 5.05
C GLU A 96 28.16 23.70 5.07
N TRP A 97 28.99 22.68 4.86
CA TRP A 97 30.45 22.92 4.84
C TRP A 97 30.92 23.82 3.67
N GLY A 98 30.23 23.72 2.52
CA GLY A 98 30.47 24.60 1.37
C GLY A 98 30.16 26.05 1.69
N ALA A 99 28.99 26.24 2.29
CA ALA A 99 28.50 27.55 2.67
C ALA A 99 29.40 28.23 3.65
N LEU A 100 30.05 27.45 4.52
CA LEU A 100 31.10 27.97 5.40
C LEU A 100 32.35 28.40 4.62
N GLY A 101 32.45 28.01 3.34
CA GLY A 101 33.61 28.36 2.51
C GLY A 101 34.83 27.49 2.79
N LEU A 102 34.62 26.34 3.43
CA LEU A 102 35.72 25.45 3.82
C LEU A 102 36.16 24.46 2.75
N LEU A 103 35.36 24.30 1.68
CA LEU A 103 35.62 23.33 0.62
C LEU A 103 36.25 24.00 -0.59
N THR A 104 36.82 23.20 -1.46
CA THR A 104 37.59 23.74 -2.57
C THR A 104 36.84 23.43 -3.85
N GLU A 105 36.94 24.33 -4.84
CA GLU A 105 36.21 24.15 -6.08
C GLU A 105 37.06 23.22 -6.96
N LEU A 106 36.50 22.12 -7.46
CA LEU A 106 37.23 21.14 -8.28
C LEU A 106 37.07 21.31 -9.79
N ASP A 107 36.95 22.56 -10.24
CA ASP A 107 36.70 22.89 -11.68
C ASP A 107 37.69 22.27 -12.62
N ASP A 108 38.96 22.28 -12.24
CA ASP A 108 40.01 21.73 -13.10
C ASP A 108 39.92 20.21 -13.22
N VAL A 109 39.92 19.51 -12.09
CA VAL A 109 39.84 18.04 -12.16
C VAL A 109 38.53 17.58 -12.84
N ALA A 110 37.42 18.17 -12.45
CA ALA A 110 36.13 17.96 -13.17
C ALA A 110 36.25 18.08 -14.66
N ALA A 111 36.89 19.17 -15.09
CA ALA A 111 37.04 19.47 -16.50
C ALA A 111 37.97 18.48 -17.18
N ALA A 112 39.10 18.19 -16.54
CA ALA A 112 40.02 17.27 -17.14
C ALA A 112 39.38 15.91 -17.32
N ASN A 113 38.50 15.47 -16.40
CA ASN A 113 37.98 14.10 -16.48
C ASN A 113 36.52 13.97 -16.86
N LYS A 114 36.00 14.98 -17.56
CA LYS A 114 34.63 14.93 -18.09
C LYS A 114 33.65 14.41 -17.01
N TRP A 115 33.78 14.94 -15.80
CA TRP A 115 32.86 14.55 -14.72
C TRP A 115 31.39 14.76 -15.13
N ASP A 116 31.05 15.94 -15.65
CA ASP A 116 29.66 16.18 -16.13
C ASP A 116 29.12 15.08 -17.07
N ASP A 117 30.00 14.49 -17.86
CA ASP A 117 29.60 13.39 -18.77
C ASP A 117 29.45 12.04 -18.10
N LEU A 118 30.19 11.84 -17.02
CA LEU A 118 30.24 10.55 -16.33
C LEU A 118 29.15 10.37 -15.30
N LEU A 119 28.64 11.48 -14.74
CA LEU A 119 27.76 11.40 -13.62
C LEU A 119 26.34 11.56 -14.07
N PRO A 120 25.41 10.85 -13.40
CA PRO A 120 24.04 11.25 -13.58
C PRO A 120 23.84 12.71 -13.12
N ARG A 121 23.02 13.48 -13.87
CA ARG A 121 22.72 14.91 -13.58
C ARG A 121 22.34 15.22 -12.12
N GLN A 122 21.53 14.33 -11.53
CA GLN A 122 21.01 14.56 -10.19
C GLN A 122 22.12 14.28 -9.20
N VAL A 123 23.04 13.40 -9.55
CA VAL A 123 24.14 13.10 -8.68
C VAL A 123 25.14 14.22 -8.71
N ALA A 124 25.47 14.66 -9.90
CA ALA A 124 26.37 15.76 -10.06
C ALA A 124 25.88 16.98 -9.28
N ASP A 125 24.59 17.31 -9.36
CA ASP A 125 24.04 18.45 -8.63
C ASP A 125 24.26 18.33 -7.09
N ILE A 126 24.14 17.13 -6.53
CA ILE A 126 24.31 16.94 -5.09
C ILE A 126 25.73 17.28 -4.66
N MET A 127 26.69 17.06 -5.57
CA MET A 127 28.13 17.28 -5.33
C MET A 127 28.58 18.73 -5.55
N LYS A 128 27.71 19.58 -6.07
CA LYS A 128 28.09 20.97 -6.35
C LYS A 128 27.63 21.98 -5.28
N TYR A 129 28.36 23.09 -5.17
CA TYR A 129 27.99 24.25 -4.35
C TYR A 129 28.23 25.50 -5.25
N ASP A 130 27.26 26.40 -5.37
CA ASP A 130 27.33 27.49 -6.38
C ASP A 130 27.77 27.02 -7.78
N GLY A 131 27.29 25.89 -8.24
CA GLY A 131 27.64 25.41 -9.58
C GLY A 131 29.04 24.80 -9.69
N HIS A 132 29.73 24.69 -8.56
CA HIS A 132 31.11 24.15 -8.48
C HIS A 132 31.21 22.78 -7.78
N TYR A 133 31.87 21.79 -8.38
CA TYR A 133 32.18 20.53 -7.67
C TYR A 133 32.94 20.81 -6.36
N VAL A 134 32.39 20.38 -5.21
CA VAL A 134 33.15 20.40 -3.96
C VAL A 134 33.40 19.01 -3.34
N ALA A 135 32.91 17.98 -3.99
CA ALA A 135 32.96 16.63 -3.42
C ALA A 135 32.92 15.67 -4.55
N VAL A 136 33.53 14.51 -4.36
CA VAL A 136 33.51 13.44 -5.34
C VAL A 136 32.68 12.25 -4.79
N PRO A 137 31.63 11.80 -5.52
CA PRO A 137 30.80 10.74 -5.05
C PRO A 137 31.37 9.37 -5.32
N VAL A 138 31.11 8.40 -4.46
CA VAL A 138 31.83 7.13 -4.59
C VAL A 138 30.95 5.91 -4.74
N ASN A 139 29.63 6.04 -4.55
CA ASN A 139 28.71 4.88 -4.64
C ASN A 139 27.25 5.29 -4.72
N ILE A 140 26.37 4.36 -5.05
CA ILE A 140 24.95 4.61 -5.05
C ILE A 140 24.30 3.38 -4.49
N HIS A 141 23.87 3.46 -3.22
CA HIS A 141 23.06 2.42 -2.63
C HIS A 141 21.62 2.65 -3.02
N ARG A 142 20.85 1.58 -3.15
CA ARG A 142 19.41 1.75 -3.23
C ARG A 142 18.87 1.38 -1.87
N VAL A 143 18.02 2.23 -1.30
CA VAL A 143 17.36 1.91 -0.05
C VAL A 143 16.16 0.97 -0.23
N ASN A 144 15.34 1.26 -1.25
CA ASN A 144 14.05 0.54 -1.46
C ASN A 144 14.08 -0.86 -2.09
N TRP A 145 14.78 -1.76 -1.40
CA TRP A 145 14.74 -3.19 -1.75
C TRP A 145 14.02 -4.04 -0.71
N LEU A 146 13.47 -5.17 -1.17
CA LEU A 146 13.09 -6.29 -0.33
C LEU A 146 13.90 -7.52 -0.75
N TRP A 147 14.54 -8.16 0.24
CA TRP A 147 15.36 -9.33 0.00
C TRP A 147 14.54 -10.58 0.29
N ILE A 148 14.59 -11.53 -0.64
CA ILE A 148 13.65 -12.68 -0.66
C ILE A 148 14.39 -14.00 -0.75
N ASN A 149 14.06 -14.93 0.13
CA ASN A 149 14.63 -16.27 0.06
C ASN A 149 13.71 -17.14 -0.79
N PRO A 150 14.09 -17.40 -2.05
CA PRO A 150 13.24 -18.16 -2.94
C PRO A 150 12.97 -19.59 -2.48
N GLN A 151 13.87 -20.23 -1.74
CA GLN A 151 13.60 -21.60 -1.18
C GLN A 151 12.49 -21.56 -0.13
N VAL A 152 12.62 -20.62 0.81
CA VAL A 152 11.63 -20.43 1.84
C VAL A 152 10.25 -20.15 1.21
N PHE A 153 10.20 -19.27 0.22
CA PHE A 153 8.94 -18.98 -0.46
C PHE A 153 8.28 -20.24 -1.06
N ASP A 154 9.05 -21.02 -1.81
CA ASP A 154 8.50 -22.21 -2.46
C ASP A 154 7.97 -23.19 -1.44
N LYS A 155 8.76 -23.50 -0.41
CA LYS A 155 8.32 -24.44 0.59
C LYS A 155 7.07 -23.92 1.37
N ALA A 156 6.85 -22.59 1.37
CA ALA A 156 5.69 -21.98 2.01
C ALA A 156 4.50 -21.68 1.10
N GLY A 157 4.62 -21.94 -0.21
CA GLY A 157 3.59 -21.58 -1.20
C GLY A 157 3.34 -20.08 -1.27
N ALA A 158 4.41 -19.31 -1.06
CA ALA A 158 4.32 -17.86 -0.92
C ALA A 158 4.65 -17.25 -2.24
N LYS A 159 4.04 -16.09 -2.47
CA LYS A 159 4.14 -15.41 -3.71
C LYS A 159 4.94 -14.14 -3.49
N VAL A 160 5.94 -13.92 -4.34
CA VAL A 160 6.85 -12.77 -4.21
C VAL A 160 5.98 -11.53 -4.43
N PRO A 161 5.92 -10.63 -3.43
CA PRO A 161 4.97 -9.52 -3.54
C PRO A 161 5.36 -8.40 -4.49
N THR A 162 4.35 -7.77 -5.06
CA THR A 162 4.48 -6.55 -5.82
C THR A 162 3.62 -5.42 -5.24
N THR A 163 2.71 -5.73 -4.33
CA THR A 163 1.91 -4.70 -3.61
C THR A 163 2.04 -4.92 -2.11
N LEU A 164 1.63 -3.93 -1.32
CA LEU A 164 1.58 -4.03 0.14
C LEU A 164 0.60 -5.11 0.60
N ASP A 165 -0.58 -5.15 -0.01
CA ASP A 165 -1.49 -6.27 0.25
C ASP A 165 -0.73 -7.59 0.16
N GLU A 166 0.09 -7.74 -0.90
CA GLU A 166 0.76 -9.02 -1.17
C GLU A 166 1.93 -9.27 -0.20
N LEU A 167 2.50 -8.18 0.32
CA LEU A 167 3.57 -8.31 1.28
C LEU A 167 3.05 -8.96 2.56
N PHE A 168 1.89 -8.48 3.02
CA PHE A 168 1.14 -9.13 4.14
C PHE A 168 0.68 -10.53 3.84
N ALA A 169 0.18 -10.75 2.64
CA ALA A 169 -0.26 -12.07 2.24
C ALA A 169 0.91 -13.04 2.25
N ALA A 170 2.10 -12.61 1.83
CA ALA A 170 3.29 -13.45 1.90
C ALA A 170 3.64 -13.64 3.34
N ALA A 171 3.61 -12.59 4.15
CA ALA A 171 3.96 -12.70 5.58
C ALA A 171 3.11 -13.73 6.31
N ASP A 172 1.80 -13.70 6.07
CA ASP A 172 0.86 -14.69 6.63
C ASP A 172 1.20 -16.08 6.22
N LYS A 173 1.49 -16.26 4.94
CA LYS A 173 1.71 -17.60 4.40
C LYS A 173 3.01 -18.22 4.97
N LEU A 174 4.01 -17.39 5.18
CA LEU A 174 5.30 -17.78 5.74
C LEU A 174 5.14 -18.22 7.15
N LYS A 175 4.35 -17.46 7.90
CA LYS A 175 4.05 -17.77 9.32
C LYS A 175 3.25 -19.07 9.44
N ALA A 176 2.25 -19.21 8.57
CA ALA A 176 1.47 -20.44 8.40
C ALA A 176 2.35 -21.64 8.05
N ALA A 177 3.43 -21.43 7.29
CA ALA A 177 4.40 -22.52 6.99
C ALA A 177 5.49 -22.61 8.05
N GLY A 178 5.48 -21.71 9.02
CA GLY A 178 6.31 -21.87 10.18
C GLY A 178 7.67 -21.26 10.03
N PHE A 179 7.75 -20.22 9.21
CA PHE A 179 8.93 -19.43 9.05
C PHE A 179 8.78 -18.11 9.81
N ILE A 180 9.90 -17.45 10.06
CA ILE A 180 9.91 -16.08 10.57
C ILE A 180 9.51 -15.23 9.37
N PRO A 181 8.40 -14.49 9.46
CA PRO A 181 7.98 -13.80 8.23
C PRO A 181 8.93 -12.66 7.81
N LEU A 182 9.19 -11.75 8.75
CA LEU A 182 10.14 -10.65 8.54
C LEU A 182 11.34 -10.68 9.48
N ALA A 183 12.52 -10.90 8.94
CA ALA A 183 13.73 -10.68 9.74
C ALA A 183 14.04 -9.18 9.85
N HIS A 184 14.09 -8.69 11.10
CA HIS A 184 14.20 -7.26 11.38
C HIS A 184 14.93 -6.98 12.70
N GLY A 185 15.98 -6.15 12.66
CA GLY A 185 16.82 -5.83 13.83
C GLY A 185 16.34 -4.62 14.61
N GLY A 186 16.67 -4.60 15.89
CA GLY A 186 16.23 -3.58 16.81
C GLY A 186 17.23 -2.46 16.82
N GLN A 187 17.21 -1.66 15.76
CA GLN A 187 17.88 -0.35 15.82
C GLN A 187 17.05 0.74 15.14
N PRO A 188 16.94 1.91 15.77
CA PRO A 188 16.14 2.97 15.17
C PRO A 188 16.35 3.18 13.67
N TRP A 189 17.60 3.18 13.19
CA TRP A 189 17.81 3.43 11.76
C TRP A 189 17.10 2.37 10.92
N GLN A 190 16.98 1.16 11.44
CA GLN A 190 16.33 0.07 10.71
C GLN A 190 14.80 0.24 10.74
N ASP A 191 14.24 0.65 11.88
CA ASP A 191 12.83 0.94 11.93
C ASP A 191 12.53 1.99 10.82
N SER A 192 13.31 3.06 10.76
CA SER A 192 13.05 4.11 9.78
C SER A 192 13.37 3.75 8.35
N THR A 193 14.27 2.81 8.13
CA THR A 193 14.41 2.27 6.79
C THR A 193 13.07 1.74 6.27
N VAL A 194 12.45 0.88 7.07
CA VAL A 194 11.14 0.28 6.79
C VAL A 194 10.07 1.38 6.65
N PHE A 195 10.06 2.33 7.59
CA PHE A 195 9.15 3.50 7.49
C PHE A 195 9.31 4.22 6.15
N GLU A 196 10.51 4.66 5.85
CA GLU A 196 10.73 5.48 4.65
C GLU A 196 10.28 4.68 3.37
N ASP A 197 10.48 3.36 3.40
CA ASP A 197 9.97 2.50 2.37
C ASP A 197 8.49 2.68 2.25
N LEU A 198 7.73 2.57 3.36
CA LEU A 198 6.28 2.72 3.37
C LEU A 198 5.78 4.10 2.92
N VAL A 199 6.50 5.11 3.30
CA VAL A 199 6.24 6.45 2.81
C VAL A 199 6.32 6.53 1.31
N LEU A 200 7.44 6.04 0.79
CA LEU A 200 7.58 5.95 -0.64
C LEU A 200 6.44 5.15 -1.31
N SER A 201 6.08 3.99 -0.74
CA SER A 201 5.10 3.06 -1.33
C SER A 201 3.70 3.62 -1.41
N ILE A 202 3.26 4.23 -0.32
CA ILE A 202 1.94 4.81 -0.24
C ILE A 202 1.84 6.19 -0.90
N LEU A 203 2.81 7.05 -0.62
CA LEU A 203 2.78 8.43 -1.11
C LEU A 203 3.36 8.63 -2.48
N GLY A 204 4.15 7.66 -2.96
CA GLY A 204 4.85 7.76 -4.19
C GLY A 204 5.93 8.81 -4.09
N PRO A 205 6.70 8.94 -5.17
CA PRO A 205 7.89 9.77 -5.23
C PRO A 205 7.65 11.21 -4.82
N LYS A 206 6.57 11.79 -5.30
CA LYS A 206 6.32 13.21 -5.12
C LYS A 206 6.01 13.53 -3.67
N GLY A 207 5.10 12.76 -3.09
CA GLY A 207 4.78 12.86 -1.70
C GLY A 207 5.92 12.56 -0.73
N TYR A 208 6.74 11.55 -1.05
CA TYR A 208 8.01 11.24 -0.36
C TYR A 208 8.95 12.41 -0.34
N HIS A 209 9.06 13.07 -1.51
CA HIS A 209 9.91 14.25 -1.64
C HIS A 209 9.31 15.39 -0.81
N ALA A 210 7.99 15.52 -0.83
CA ALA A 210 7.35 16.57 -0.06
C ALA A 210 7.70 16.42 1.44
N ALA A 211 7.66 15.19 1.92
CA ALA A 211 7.81 14.83 3.32
C ALA A 211 9.25 14.94 3.86
N PHE A 212 10.20 14.34 3.15
CA PHE A 212 11.59 14.28 3.62
C PHE A 212 12.53 15.33 3.04
N VAL A 213 12.26 15.85 1.84
CA VAL A 213 13.08 16.93 1.28
C VAL A 213 12.57 18.30 1.72
N ASP A 214 11.29 18.55 1.51
CA ASP A 214 10.71 19.86 1.84
C ASP A 214 10.22 19.97 3.29
N LEU A 215 10.09 18.82 3.96
CA LEU A 215 9.49 18.76 5.30
C LEU A 215 8.16 19.49 5.35
N ASP A 216 7.30 19.11 4.40
CA ASP A 216 6.04 19.79 4.16
C ASP A 216 5.05 19.34 5.22
N GLU A 217 4.41 20.29 5.88
CA GLU A 217 3.60 20.04 7.06
C GLU A 217 2.31 19.30 6.80
N LYS A 218 1.57 19.77 5.83
CA LYS A 218 0.41 19.11 5.29
C LYS A 218 0.68 17.62 4.96
N THR A 219 1.83 17.35 4.33
CA THR A 219 2.20 15.97 3.97
C THR A 219 2.50 15.12 5.17
N LEU A 220 3.32 15.62 6.07
CA LEU A 220 3.74 14.83 7.24
C LEU A 220 2.57 14.58 8.22
N THR A 221 1.56 15.45 8.22
CA THR A 221 0.39 15.25 9.10
C THR A 221 -0.85 14.83 8.33
N GLY A 222 -0.70 14.49 7.03
CA GLY A 222 -1.87 14.13 6.21
C GLY A 222 -2.32 12.70 6.38
N PRO A 223 -3.45 12.35 5.72
CA PRO A 223 -4.04 11.01 5.72
C PRO A 223 -3.17 9.86 5.20
N GLN A 224 -2.30 10.14 4.26
CA GLN A 224 -1.51 9.06 3.65
C GLN A 224 -0.31 8.76 4.53
N MET A 225 0.28 9.80 5.13
CA MET A 225 1.36 9.57 6.09
C MET A 225 0.76 8.76 7.23
N THR A 226 -0.44 9.15 7.68
CA THR A 226 -1.14 8.39 8.69
C THR A 226 -1.26 6.93 8.29
N GLU A 227 -1.59 6.67 7.03
CA GLU A 227 -1.65 5.31 6.46
C GLU A 227 -0.27 4.63 6.47
N ALA A 228 0.78 5.39 6.20
CA ALA A 228 2.12 4.84 6.36
C ALA A 228 2.42 4.32 7.78
N PHE A 229 2.02 5.05 8.82
CA PHE A 229 2.16 4.54 10.18
C PHE A 229 1.25 3.36 10.51
N ALA A 230 0.02 3.37 9.99
CA ALA A 230 -0.89 2.27 10.21
C ALA A 230 -0.30 0.98 9.64
N THR A 231 0.35 1.11 8.49
CA THR A 231 0.94 -0.01 7.82
C THR A 231 2.22 -0.44 8.55
N LEU A 232 3.01 0.53 8.99
CA LEU A 232 4.15 0.26 9.92
C LEU A 232 3.72 -0.56 11.11
N LYS A 233 2.66 -0.12 11.76
CA LYS A 233 2.14 -0.84 12.94
C LYS A 233 1.85 -2.26 12.56
N ARG A 234 1.23 -2.44 11.41
CA ARG A 234 0.78 -3.73 10.99
C ARG A 234 1.94 -4.65 10.64
N LEU A 235 2.99 -4.08 10.05
CA LEU A 235 4.24 -4.85 9.87
C LEU A 235 4.89 -5.25 11.22
N GLY A 236 4.90 -4.31 12.16
CA GLY A 236 5.27 -4.60 13.56
C GLY A 236 4.76 -5.91 14.13
N THR A 237 3.50 -6.23 13.83
CA THR A 237 2.81 -7.41 14.38
C THR A 237 3.43 -8.69 13.92
N TYR A 238 4.21 -8.64 12.83
CA TYR A 238 4.86 -9.86 12.32
C TYR A 238 6.32 -9.92 12.72
N MET A 239 6.78 -8.93 13.49
CA MET A 239 8.18 -8.83 13.89
C MET A 239 8.46 -9.46 15.27
N ASP A 240 9.69 -9.90 15.43
CA ASP A 240 10.16 -10.55 16.63
C ASP A 240 10.29 -9.56 17.80
N PRO A 241 9.62 -9.84 18.93
CA PRO A 241 9.69 -8.88 20.04
C PRO A 241 11.03 -8.85 20.76
N ASN A 242 11.79 -9.95 20.64
CA ASN A 242 13.16 -10.02 21.17
C ASN A 242 14.23 -9.58 20.15
N ARG A 243 13.90 -8.62 19.30
CA ARG A 243 14.85 -8.04 18.38
C ARG A 243 15.76 -6.96 19.00
N ALA A 244 15.52 -6.46 20.22
CA ALA A 244 16.23 -5.22 20.64
C ALA A 244 17.76 -5.35 20.59
N GLY A 245 18.39 -4.31 20.01
CA GLY A 245 19.85 -4.23 19.81
C GLY A 245 20.39 -4.89 18.54
N ARG A 246 19.58 -5.72 17.90
CA ARG A 246 20.08 -6.67 16.91
C ARG A 246 20.46 -5.95 15.57
N ASP A 247 21.62 -6.35 15.02
CA ASP A 247 22.23 -5.70 13.84
C ASP A 247 21.59 -6.21 12.56
N TRP A 248 21.66 -5.40 11.51
CA TRP A 248 21.00 -5.78 10.26
C TRP A 248 21.53 -7.11 9.72
N ASN A 249 22.82 -7.38 9.94
CA ASN A 249 23.43 -8.59 9.37
C ASN A 249 23.00 -9.85 10.09
N ILE A 250 22.48 -9.73 11.31
CA ILE A 250 21.92 -10.86 12.02
C ILE A 250 20.55 -11.17 11.41
N ALA A 251 19.79 -10.12 11.10
CA ALA A 251 18.49 -10.31 10.46
C ALA A 251 18.65 -10.90 9.06
N ALA A 252 19.64 -10.41 8.31
CA ALA A 252 19.92 -10.96 7.01
C ALA A 252 20.26 -12.44 7.13
N ALA A 253 21.13 -12.79 8.09
CA ALA A 253 21.42 -14.19 8.41
C ALA A 253 20.20 -15.07 8.60
N GLU A 254 19.17 -14.59 9.29
CA GLU A 254 17.98 -15.42 9.46
C GLU A 254 17.39 -15.73 8.09
N VAL A 255 17.59 -14.83 7.12
CA VAL A 255 17.09 -15.06 5.77
C VAL A 255 18.04 -15.99 5.01
N ILE A 256 19.32 -15.70 5.06
CA ILE A 256 20.32 -16.54 4.40
C ILE A 256 20.19 -18.01 4.86
N ASN A 257 19.97 -18.20 6.14
CA ASN A 257 19.95 -19.55 6.73
C ASN A 257 18.64 -20.29 6.55
N GLY A 258 17.69 -19.68 5.86
CA GLY A 258 16.47 -20.39 5.46
C GLY A 258 15.42 -20.42 6.56
N LYS A 259 15.55 -19.55 7.55
CA LYS A 259 14.63 -19.51 8.65
C LYS A 259 13.63 -18.37 8.48
N ALA A 260 14.01 -17.29 7.79
CA ALA A 260 13.05 -16.21 7.51
C ALA A 260 12.85 -16.10 6.02
N GLY A 261 11.77 -15.43 5.63
CA GLY A 261 11.40 -15.27 4.23
C GLY A 261 11.95 -14.01 3.64
N MET A 262 11.79 -12.89 4.36
CA MET A 262 12.18 -11.61 3.85
C MET A 262 12.92 -10.75 4.85
N GLN A 263 13.66 -9.80 4.29
CA GLN A 263 14.13 -8.65 4.99
C GLN A 263 13.99 -7.39 4.12
N ILE A 264 13.50 -6.33 4.74
CA ILE A 264 13.42 -5.04 4.10
C ILE A 264 14.67 -4.25 4.51
N MET A 265 15.54 -4.00 3.51
CA MET A 265 16.82 -3.32 3.69
C MET A 265 17.43 -2.83 2.36
N GLY A 266 18.26 -1.79 2.47
CA GLY A 266 19.06 -1.32 1.37
C GLY A 266 20.11 -2.33 0.90
N ASP A 267 20.72 -2.08 -0.25
CA ASP A 267 21.48 -3.15 -0.90
C ASP A 267 22.90 -3.36 -0.39
N TRP A 268 23.29 -2.67 0.68
CA TRP A 268 24.41 -3.10 1.51
C TRP A 268 24.25 -4.51 2.06
N ALA A 269 23.01 -5.00 2.20
CA ALA A 269 22.72 -6.33 2.73
C ALA A 269 23.23 -7.46 1.87
N LYS A 270 23.45 -7.20 0.58
CA LYS A 270 24.17 -8.13 -0.32
C LYS A 270 25.53 -8.56 0.22
N SER A 271 26.24 -7.69 0.94
CA SER A 271 27.55 -8.04 1.51
C SER A 271 27.40 -9.26 2.35
N GLU A 272 26.37 -9.25 3.18
CA GLU A 272 26.17 -10.39 4.03
C GLU A 272 25.97 -11.64 3.21
N TRP A 273 25.14 -11.56 2.17
CA TRP A 273 24.95 -12.65 1.19
C TRP A 273 26.22 -13.13 0.45
N SER A 274 27.05 -12.19 -0.01
CA SER A 274 28.33 -12.51 -0.61
C SER A 274 29.23 -13.24 0.37
N ALA A 275 29.40 -12.67 1.56
CA ALA A 275 30.28 -13.24 2.58
C ALA A 275 29.88 -14.67 2.94
N ALA A 276 28.60 -15.00 2.73
CA ALA A 276 28.12 -16.37 2.91
C ALA A 276 28.24 -17.21 1.64
N GLY A 277 28.74 -16.61 0.56
CA GLY A 277 28.97 -17.31 -0.71
C GLY A 277 27.72 -17.60 -1.52
N LYS A 278 26.76 -16.69 -1.48
CA LYS A 278 25.51 -16.85 -2.22
C LYS A 278 25.66 -16.36 -3.66
N VAL A 279 24.55 -16.35 -4.39
CA VAL A 279 24.56 -15.89 -5.77
C VAL A 279 23.47 -14.86 -6.02
N ALA A 280 22.99 -14.80 -7.26
CA ALA A 280 21.94 -13.85 -7.63
C ALA A 280 20.76 -14.57 -8.28
N GLY A 281 19.68 -14.74 -7.51
CA GLY A 281 18.50 -15.41 -8.01
C GLY A 281 18.43 -16.87 -7.60
N LYS A 282 19.59 -17.51 -7.53
CA LYS A 282 19.67 -18.91 -7.15
C LYS A 282 19.57 -19.08 -5.64
N ASP A 283 19.98 -18.05 -4.90
CA ASP A 283 19.93 -18.08 -3.44
C ASP A 283 19.03 -17.04 -2.83
N TYR A 284 18.98 -15.91 -3.52
CA TYR A 284 18.14 -14.83 -3.13
C TYR A 284 17.61 -14.08 -4.34
N GLN A 285 16.58 -13.28 -4.10
CA GLN A 285 16.06 -12.39 -5.09
C GLN A 285 15.91 -11.02 -4.53
N CYS A 286 16.06 -10.07 -5.42
CA CYS A 286 15.92 -8.69 -5.08
C CYS A 286 14.70 -8.23 -5.86
N VAL A 287 13.73 -7.69 -5.14
CA VAL A 287 12.68 -6.94 -5.78
C VAL A 287 12.55 -5.60 -5.10
N ALA A 288 11.95 -4.68 -5.82
CA ALA A 288 11.63 -3.35 -5.30
C ALA A 288 10.66 -3.46 -4.17
N PHE A 289 10.81 -2.63 -3.16
CA PHE A 289 9.93 -2.73 -2.01
C PHE A 289 8.48 -2.51 -2.49
N PRO A 290 7.58 -3.49 -2.20
CA PRO A 290 6.26 -3.48 -2.85
C PRO A 290 5.55 -2.13 -2.94
N GLY A 291 5.30 -1.74 -4.18
CA GLY A 291 4.59 -0.50 -4.50
C GLY A 291 5.52 0.62 -4.87
N THR A 292 6.82 0.43 -4.64
CA THR A 292 7.84 1.41 -4.97
C THR A 292 8.47 1.11 -6.36
N GLN A 293 7.95 0.14 -7.11
CA GLN A 293 8.44 -0.06 -8.47
C GLN A 293 8.28 1.30 -9.19
N GLY A 294 9.19 1.66 -10.08
CA GLY A 294 9.15 3.00 -10.68
C GLY A 294 10.06 4.00 -9.99
N SER A 295 10.49 3.69 -8.77
CA SER A 295 11.22 4.68 -8.00
C SER A 295 12.50 4.10 -7.47
N PHE A 296 13.50 4.98 -7.31
CA PHE A 296 14.78 4.58 -6.80
C PHE A 296 15.15 5.50 -5.67
N ALA A 297 15.15 5.01 -4.44
CA ALA A 297 15.56 5.86 -3.31
C ALA A 297 17.05 5.66 -3.13
N TYR A 298 17.83 6.63 -3.57
CA TYR A 298 19.29 6.47 -3.54
C TYR A 298 19.98 6.80 -2.18
N ASN A 299 21.09 6.13 -1.93
CA ASN A 299 21.91 6.52 -0.78
C ASN A 299 23.39 6.65 -1.20
N ILE A 300 23.88 7.89 -1.34
CA ILE A 300 25.20 8.22 -1.99
C ILE A 300 26.30 8.69 -1.03
N ASP A 301 27.41 7.97 -0.99
CA ASP A 301 28.51 8.34 -0.08
C ASP A 301 29.52 9.21 -0.88
N SER A 302 30.29 10.06 -0.18
CA SER A 302 31.13 11.04 -0.88
C SER A 302 32.24 11.63 -0.01
N LEU A 303 33.30 12.08 -0.68
CA LEU A 303 34.46 12.71 -0.11
C LEU A 303 34.46 14.17 -0.50
N ALA A 304 34.26 15.03 0.49
CA ALA A 304 34.30 16.44 0.27
C ALA A 304 35.75 16.90 0.39
N MET A 305 36.17 17.78 -0.48
CA MET A 305 37.58 18.18 -0.60
C MET A 305 37.77 19.52 0.04
N PHE A 306 38.69 19.63 0.99
CA PHE A 306 38.91 20.91 1.70
C PHE A 306 39.86 21.87 0.98
N LYS A 307 39.66 23.18 1.19
CA LYS A 307 40.57 24.22 0.69
C LYS A 307 41.88 24.08 1.49
N LEU A 308 42.99 23.85 0.78
CA LEU A 308 44.32 23.71 1.37
C LEU A 308 45.26 24.84 0.94
N LYS A 309 46.41 24.95 1.58
CA LYS A 309 47.31 26.08 1.33
C LYS A 309 48.51 25.65 0.47
N ASP A 310 49.04 24.46 0.71
CA ASP A 310 50.22 23.97 -0.03
C ASP A 310 49.88 23.58 -1.46
N ALA A 311 50.64 24.11 -2.41
CA ALA A 311 50.40 23.83 -3.82
C ALA A 311 50.55 22.33 -4.11
N ASN A 312 51.66 21.73 -3.69
CA ASN A 312 51.86 20.28 -3.82
C ASN A 312 50.70 19.46 -3.21
N ASP A 313 50.22 19.86 -2.02
CA ASP A 313 49.09 19.17 -1.37
C ASP A 313 47.81 19.36 -2.17
N ILE A 314 47.72 20.42 -2.94
CA ILE A 314 46.57 20.58 -3.83
C ILE A 314 46.69 19.54 -4.95
N LYS A 315 47.86 19.45 -5.57
CA LYS A 315 48.04 18.53 -6.69
C LYS A 315 47.71 17.11 -6.26
N ALA A 316 48.10 16.75 -5.04
CA ALA A 316 47.77 15.42 -4.47
C ALA A 316 46.28 15.27 -4.32
N GLN A 317 45.67 16.32 -3.79
CA GLN A 317 44.24 16.32 -3.55
C GLN A 317 43.52 16.08 -4.89
N ASN A 318 43.94 16.77 -5.93
CA ASN A 318 43.29 16.68 -7.22
C ASN A 318 43.47 15.31 -7.83
N ASP A 319 44.54 14.62 -7.45
CA ASP A 319 44.79 13.29 -7.93
C ASP A 319 43.84 12.35 -7.24
N LEU A 320 43.74 12.46 -5.91
CA LEU A 320 42.78 11.61 -5.16
C LEU A 320 41.35 11.74 -5.75
N ALA A 321 40.92 12.97 -6.05
CA ALA A 321 39.61 13.24 -6.65
C ALA A 321 39.43 12.59 -8.03
N LYS A 322 40.45 12.69 -8.88
CA LYS A 322 40.44 12.02 -10.18
C LYS A 322 40.23 10.52 -10.05
N VAL A 323 41.07 9.89 -9.23
CA VAL A 323 41.17 8.45 -9.11
C VAL A 323 39.99 7.85 -8.39
N ALA A 324 39.44 8.57 -7.41
CA ALA A 324 38.22 8.09 -6.76
C ALA A 324 37.05 7.91 -7.77
N LEU A 325 37.08 8.63 -8.89
CA LEU A 325 36.09 8.47 -9.96
C LEU A 325 36.57 7.69 -11.19
N GLU A 326 37.77 7.13 -11.13
CA GLU A 326 38.23 6.21 -12.18
C GLU A 326 37.54 4.79 -12.06
N PRO A 327 37.36 4.07 -13.18
CA PRO A 327 36.88 2.70 -13.19
C PRO A 327 37.46 1.75 -12.10
N GLU A 328 38.75 1.85 -11.74
CA GLU A 328 39.36 0.78 -10.90
C GLU A 328 38.78 0.79 -9.50
N PHE A 329 38.84 1.93 -8.83
CA PHE A 329 38.22 2.12 -7.50
C PHE A 329 36.68 2.06 -7.49
N GLN A 330 36.04 2.59 -8.53
CA GLN A 330 34.59 2.57 -8.66
C GLN A 330 34.07 1.14 -8.77
N THR A 331 34.87 0.24 -9.31
CA THR A 331 34.52 -1.20 -9.40
C THR A 331 34.75 -1.92 -8.08
N VAL A 332 35.98 -1.86 -7.58
CA VAL A 332 36.35 -2.55 -6.33
C VAL A 332 35.59 -2.03 -5.11
N PHE A 333 35.44 -0.73 -5.00
CA PHE A 333 34.71 -0.20 -3.85
C PHE A 333 33.25 -0.69 -3.76
N ASN A 334 32.55 -0.64 -4.88
CA ASN A 334 31.15 -1.01 -4.95
C ASN A 334 30.91 -2.52 -5.03
N GLN A 335 31.95 -3.23 -5.44
CA GLN A 335 31.95 -4.69 -5.52
C GLN A 335 32.24 -5.20 -4.12
N ASN A 336 31.75 -6.40 -3.81
CA ASN A 336 31.97 -6.98 -2.50
C ASN A 336 31.32 -6.14 -1.42
N LYS A 337 30.36 -5.31 -1.81
CA LYS A 337 29.66 -4.44 -0.88
C LYS A 337 28.19 -4.28 -1.23
N GLY A 338 27.88 -4.30 -2.52
CA GLY A 338 26.52 -4.16 -2.95
C GLY A 338 25.94 -2.96 -3.60
N SER A 339 26.59 -1.86 -3.43
CA SER A 339 26.19 -0.67 -4.13
C SER A 339 26.56 -0.65 -5.61
N LEU A 340 25.89 0.22 -6.35
CA LEU A 340 26.26 0.58 -7.72
C LEU A 340 27.44 1.58 -7.76
N PRO A 341 28.26 1.52 -8.81
CA PRO A 341 29.16 2.67 -9.02
C PRO A 341 28.40 3.88 -9.58
N VAL A 342 28.90 5.08 -9.31
CA VAL A 342 28.26 6.31 -9.79
C VAL A 342 28.57 6.71 -11.23
N ARG A 343 29.59 6.08 -11.80
CA ARG A 343 29.93 6.26 -13.19
C ARG A 343 28.96 5.57 -14.13
N GLN A 344 28.52 6.29 -15.15
CA GLN A 344 27.49 5.82 -16.06
C GLN A 344 28.03 4.82 -17.07
N ASP A 345 29.32 4.83 -17.28
CA ASP A 345 29.91 4.15 -18.43
C ASP A 345 30.60 2.86 -18.02
N MET A 346 30.10 2.17 -17.02
CA MET A 346 30.81 1.03 -16.48
C MET A 346 30.49 -0.23 -17.23
N ASP A 347 31.42 -1.18 -17.16
CA ASP A 347 31.13 -2.57 -17.46
C ASP A 347 30.38 -3.22 -16.29
N MET A 348 29.06 -3.31 -16.46
CA MET A 348 28.20 -3.82 -15.41
C MET A 348 28.27 -5.33 -15.27
N SER A 349 28.73 -6.06 -16.29
CA SER A 349 28.87 -7.52 -16.16
C SER A 349 29.89 -7.87 -15.06
N LYS A 350 30.67 -6.87 -14.63
CA LYS A 350 31.57 -7.04 -13.49
C LYS A 350 30.82 -7.17 -12.15
N PHE A 351 29.54 -6.83 -12.14
CA PHE A 351 28.78 -6.84 -10.92
C PHE A 351 27.84 -8.05 -10.92
N ASP A 352 27.26 -8.28 -9.74
CA ASP A 352 26.20 -9.26 -9.58
C ASP A 352 24.88 -8.86 -10.32
N ALA A 353 24.09 -9.90 -10.53
CA ALA A 353 22.73 -9.78 -11.08
C ALA A 353 21.84 -8.77 -10.35
N CYS A 354 21.96 -8.59 -9.02
CA CYS A 354 21.06 -7.61 -8.33
C CYS A 354 21.48 -6.19 -8.63
N THR A 355 22.79 -5.98 -8.76
CA THR A 355 23.35 -4.64 -9.09
C THR A 355 22.96 -4.24 -10.51
N GLN A 356 22.83 -5.22 -11.38
CA GLN A 356 22.30 -5.01 -12.72
C GLN A 356 20.83 -4.62 -12.76
N LYS A 357 19.99 -5.26 -11.97
CA LYS A 357 18.61 -4.80 -11.80
C LYS A 357 18.60 -3.39 -11.20
N SER A 358 19.47 -3.14 -10.24
CA SER A 358 19.60 -1.82 -9.63
C SER A 358 20.04 -0.78 -10.66
N ALA A 359 21.04 -1.09 -11.49
CA ALA A 359 21.40 -0.22 -12.59
C ALA A 359 20.21 0.04 -13.56
N ALA A 360 19.43 -0.98 -13.89
CA ALA A 360 18.25 -0.80 -14.76
C ALA A 360 17.20 0.09 -14.06
N ASP A 361 16.95 -0.16 -12.79
CA ASP A 361 15.91 0.59 -12.07
C ASP A 361 16.27 2.05 -11.87
N PHE A 362 17.57 2.28 -11.64
CA PHE A 362 18.09 3.61 -11.58
C PHE A 362 17.68 4.42 -12.83
N LYS A 363 18.01 3.88 -14.00
CA LYS A 363 17.70 4.60 -15.26
C LYS A 363 16.23 4.95 -15.46
N GLU A 364 15.36 4.01 -15.09
CA GLU A 364 13.90 4.18 -15.23
C GLU A 364 13.39 5.30 -14.34
N ALA A 365 13.78 5.21 -13.09
CA ALA A 365 13.50 6.21 -12.12
C ALA A 365 14.02 7.58 -12.53
N ALA A 366 15.28 7.58 -12.99
CA ALA A 366 15.94 8.78 -13.49
C ALA A 366 15.15 9.50 -14.63
N LYS A 367 14.41 8.79 -15.48
CA LYS A 367 13.56 9.43 -16.49
C LYS A 367 12.48 10.33 -15.90
N GLY A 368 12.28 10.34 -14.59
CA GLY A 368 11.14 11.08 -14.05
C GLY A 368 11.31 11.40 -12.59
N ASP A 369 10.21 11.39 -11.85
CA ASP A 369 10.28 11.76 -10.46
C ASP A 369 10.74 10.61 -9.56
N GLY A 370 10.90 9.41 -10.14
CA GLY A 370 11.20 8.18 -9.39
C GLY A 370 12.49 8.21 -8.58
N LEU A 371 13.47 8.97 -9.03
CA LEU A 371 14.76 9.05 -8.40
C LEU A 371 14.58 10.02 -7.27
N GLN A 372 14.69 9.52 -6.04
CA GLN A 372 14.63 10.38 -4.88
C GLN A 372 15.71 10.01 -3.87
N PRO A 373 16.24 11.03 -3.15
CA PRO A 373 17.20 10.82 -2.04
C PRO A 373 16.58 10.04 -0.91
N SER A 374 17.21 8.99 -0.45
CA SER A 374 16.73 8.35 0.71
C SER A 374 16.67 9.37 1.84
N MET A 375 15.92 9.08 2.88
CA MET A 375 15.81 9.96 4.01
C MET A 375 17.16 10.39 4.56
N GLY A 376 18.13 9.49 4.50
CA GLY A 376 19.54 9.73 4.89
C GLY A 376 20.37 10.62 3.95
N MET A 377 19.93 10.73 2.71
CA MET A 377 20.45 11.73 1.80
C MET A 377 19.73 13.04 1.89
N ALA A 378 18.52 12.97 2.44
CA ALA A 378 17.52 13.95 2.23
C ALA A 378 17.45 14.92 3.37
N THR A 379 17.97 14.59 4.58
CA THR A 379 18.07 15.62 5.65
C THR A 379 19.31 15.63 6.51
N THR A 380 19.40 16.71 7.29
CA THR A 380 20.33 16.83 8.39
C THR A 380 20.28 15.65 9.40
N LEU A 381 21.40 15.35 10.04
CA LEU A 381 21.44 14.40 11.14
C LEU A 381 20.45 14.72 12.28
N ALA A 382 20.29 15.98 12.66
CA ALA A 382 19.35 16.31 13.73
C ALA A 382 17.91 15.94 13.36
N VAL A 383 17.52 16.14 12.11
CA VAL A 383 16.16 15.84 11.68
C VAL A 383 15.98 14.32 11.60
N GLN A 384 16.95 13.63 11.02
CA GLN A 384 16.95 12.18 11.07
C GLN A 384 16.71 11.64 12.49
N GLY A 385 17.45 12.19 13.44
CA GLY A 385 17.35 11.80 14.86
C GLY A 385 15.93 11.93 15.40
N ALA A 386 15.29 13.01 15.01
CA ALA A 386 13.90 13.27 15.37
C ALA A 386 12.94 12.25 14.79
N ILE A 387 13.08 11.97 13.50
CA ILE A 387 12.30 10.97 12.84
C ILE A 387 12.57 9.56 13.44
N PHE A 388 13.86 9.20 13.60
CA PHE A 388 14.25 7.91 14.17
C PHE A 388 13.54 7.70 15.52
N ASP A 389 13.65 8.74 16.34
CA ASP A 389 12.97 8.80 17.62
C ASP A 389 11.45 8.65 17.54
N VAL A 390 10.76 9.43 16.68
CA VAL A 390 9.27 9.28 16.59
C VAL A 390 8.93 7.85 16.16
N VAL A 391 9.61 7.38 15.13
CA VAL A 391 9.28 6.11 14.53
C VAL A 391 9.47 4.96 15.54
N THR A 392 10.65 4.87 16.15
CA THR A 392 10.91 3.78 17.10
C THR A 392 9.96 3.82 18.27
N ASN A 393 9.69 5.02 18.77
CA ASN A 393 8.79 5.19 19.90
C ASN A 393 7.37 4.71 19.59
N PHE A 394 6.93 4.94 18.36
CA PHE A 394 5.60 4.52 17.92
C PHE A 394 5.57 3.02 17.60
N LEU A 395 6.67 2.52 17.05
CA LEU A 395 6.77 1.11 16.69
C LEU A 395 6.96 0.24 17.93
N ASN A 396 7.51 0.82 18.99
CA ASN A 396 7.74 0.08 20.23
C ASN A 396 6.54 0.15 21.17
N ASP A 397 5.47 0.81 20.73
CA ASP A 397 4.25 0.94 21.55
C ASP A 397 3.05 0.31 20.81
N PRO A 398 2.58 -0.86 21.29
CA PRO A 398 1.50 -1.53 20.55
C PRO A 398 0.16 -0.82 20.61
N GLN A 399 0.04 0.21 21.45
CA GLN A 399 -1.21 0.96 21.56
C GLN A 399 -1.10 2.29 20.79
N ALA A 400 0.09 2.61 20.27
CA ALA A 400 0.31 3.91 19.61
C ALA A 400 -0.69 4.16 18.49
N GLU A 401 -1.19 5.40 18.45
CA GLU A 401 -2.18 5.79 17.42
C GLU A 401 -1.47 6.49 16.29
N PRO A 402 -1.66 6.03 15.04
CA PRO A 402 -1.14 6.72 13.86
C PRO A 402 -1.56 8.18 13.71
N ALA A 403 -2.80 8.47 14.09
CA ALA A 403 -3.33 9.80 14.03
C ALA A 403 -2.50 10.69 14.93
N THR A 404 -1.97 10.10 16.03
CA THR A 404 -1.11 10.83 16.96
C THR A 404 0.31 10.90 16.46
N ALA A 405 0.77 9.83 15.85
CA ALA A 405 2.17 9.73 15.41
C ALA A 405 2.57 10.74 14.38
N VAL A 406 1.63 11.16 13.54
CA VAL A 406 1.95 12.19 12.55
C VAL A 406 2.16 13.55 13.21
N LYS A 407 1.49 13.82 14.32
CA LYS A 407 1.68 15.10 15.03
C LYS A 407 3.03 15.09 15.70
N GLN A 408 3.40 13.94 16.26
CA GLN A 408 4.72 13.77 16.85
C GLN A 408 5.82 13.93 15.80
N LEU A 409 5.62 13.30 14.62
CA LEU A 409 6.55 13.44 13.51
C LEU A 409 6.85 14.86 13.19
N ASN A 410 5.75 15.58 12.96
CA ASN A 410 5.81 16.92 12.47
C ASN A 410 6.43 17.83 13.49
N ALA A 411 5.93 17.76 14.73
CA ALA A 411 6.47 18.58 15.83
C ALA A 411 7.95 18.36 16.08
N ALA A 412 8.41 17.11 16.07
CA ALA A 412 9.85 16.81 16.26
C ALA A 412 10.70 17.30 15.12
N ILE A 413 10.19 17.16 13.90
CA ILE A 413 10.91 17.64 12.74
C ILE A 413 11.02 19.14 12.80
N LYS A 414 9.94 19.82 13.17
CA LYS A 414 10.01 21.31 13.34
C LYS A 414 11.12 21.77 14.29
N ALA A 415 11.25 21.01 15.38
CA ALA A 415 12.15 21.35 16.48
C ALA A 415 13.62 21.09 16.18
N ALA A 416 13.91 20.23 15.20
CA ALA A 416 15.28 19.81 14.90
C ALA A 416 15.90 20.69 13.85
N ARG A 417 15.04 21.09 12.92
CA ARG A 417 15.32 22.20 12.01
C ARG A 417 15.65 23.50 12.75
N ASN B 24 -19.56 21.06 -27.17
CA ASN B 24 -20.94 20.49 -27.03
C ASN B 24 -21.90 21.10 -25.98
N PRO B 25 -21.53 21.96 -25.00
CA PRO B 25 -20.15 22.27 -24.54
C PRO B 25 -19.46 21.02 -24.07
N GLY B 26 -20.26 20.02 -23.72
CA GLY B 26 -19.78 18.66 -23.67
C GLY B 26 -20.92 17.88 -23.07
N THR B 27 -21.01 16.59 -23.39
CA THR B 27 -22.09 15.72 -22.92
C THR B 27 -21.57 14.63 -21.95
N VAL B 28 -22.37 14.34 -20.92
CA VAL B 28 -22.14 13.22 -20.00
C VAL B 28 -23.14 12.12 -20.35
N ASP B 29 -22.66 11.02 -20.93
CA ASP B 29 -23.51 9.84 -21.11
C ASP B 29 -23.12 8.79 -20.09
N VAL B 30 -23.99 8.55 -19.10
CA VAL B 30 -23.72 7.58 -18.03
C VAL B 30 -24.60 6.36 -18.17
N LEU B 31 -23.95 5.18 -18.26
CA LEU B 31 -24.62 3.88 -18.24
C LEU B 31 -24.60 3.34 -16.81
N HIS B 32 -25.76 3.13 -16.18
CA HIS B 32 -25.79 2.64 -14.79
C HIS B 32 -27.08 1.90 -14.45
N TRP B 33 -27.07 1.16 -13.34
CA TRP B 33 -28.20 0.31 -12.96
C TRP B 33 -28.99 0.83 -11.75
N TRP B 34 -28.85 2.11 -11.46
CA TRP B 34 -29.52 2.75 -10.33
C TRP B 34 -31.00 3.05 -10.52
N THR B 35 -31.82 2.03 -10.24
CA THR B 35 -33.24 2.03 -10.60
C THR B 35 -34.23 2.31 -9.49
N SER B 36 -33.81 2.35 -8.24
CA SER B 36 -34.71 2.83 -7.18
C SER B 36 -34.87 4.36 -7.25
N GLY B 37 -36.01 4.84 -6.74
CA GLY B 37 -36.26 6.25 -6.59
C GLY B 37 -35.26 6.90 -5.68
N GLY B 38 -34.89 6.20 -4.60
CA GLY B 38 -33.81 6.69 -3.69
C GLY B 38 -32.50 6.98 -4.44
N GLU B 39 -32.09 6.02 -5.27
CA GLU B 39 -30.91 6.18 -6.10
C GLU B 39 -31.09 7.24 -7.23
N ALA B 40 -32.34 7.49 -7.64
CA ALA B 40 -32.69 8.51 -8.67
C ALA B 40 -32.68 9.94 -8.18
N LYS B 41 -33.18 10.19 -6.96
CA LYS B 41 -33.02 11.50 -6.32
C LYS B 41 -31.53 11.93 -6.28
N ALA B 42 -30.61 10.97 -6.05
CA ALA B 42 -29.17 11.29 -6.02
C ALA B 42 -28.63 11.54 -7.42
N VAL B 43 -28.90 10.62 -8.35
CA VAL B 43 -28.53 10.82 -9.77
C VAL B 43 -29.04 12.17 -10.35
N GLU B 44 -30.19 12.64 -9.89
CA GLU B 44 -30.72 13.96 -10.29
C GLU B 44 -29.88 15.16 -9.75
N THR B 45 -29.36 15.11 -8.51
CA THR B 45 -28.49 16.19 -8.01
C THR B 45 -27.21 16.26 -8.85
N LEU B 46 -26.69 15.08 -9.17
CA LEU B 46 -25.52 14.91 -10.01
C LEU B 46 -25.77 15.54 -11.38
N LYS B 47 -26.89 15.18 -12.02
CA LYS B 47 -27.38 15.82 -13.26
C LYS B 47 -27.45 17.35 -13.15
N GLN B 48 -28.10 17.82 -12.11
CA GLN B 48 -28.31 19.26 -11.89
C GLN B 48 -27.02 20.04 -11.89
N GLN B 49 -26.03 19.52 -11.18
CA GLN B 49 -24.75 20.21 -11.03
C GLN B 49 -24.01 20.21 -12.35
N ILE B 50 -23.94 19.04 -12.99
CA ILE B 50 -23.26 18.93 -14.28
C ILE B 50 -23.82 20.00 -15.21
N GLN B 51 -25.15 20.12 -15.15
CA GLN B 51 -25.86 21.09 -15.97
C GLN B 51 -25.55 22.55 -15.65
N LYS B 52 -25.51 22.90 -14.36
CA LYS B 52 -25.01 24.22 -13.90
C LYS B 52 -23.56 24.48 -14.30
N ASP B 53 -22.78 23.43 -14.53
CA ASP B 53 -21.38 23.60 -14.89
C ASP B 53 -21.21 23.78 -16.39
N GLY B 54 -22.34 23.80 -17.11
CA GLY B 54 -22.37 24.04 -18.54
C GLY B 54 -22.33 22.79 -19.41
N PHE B 55 -22.73 21.64 -18.87
CA PHE B 55 -22.65 20.39 -19.66
C PHE B 55 -24.03 19.77 -19.86
N ILE B 56 -24.17 18.91 -20.85
CA ILE B 56 -25.43 18.22 -21.16
C ILE B 56 -25.46 16.86 -20.50
N TRP B 57 -26.62 16.44 -20.00
CA TRP B 57 -26.78 15.11 -19.40
C TRP B 57 -27.70 14.19 -20.22
N LYS B 58 -27.22 12.99 -20.52
CA LYS B 58 -28.10 11.90 -20.98
C LYS B 58 -27.85 10.64 -20.11
N ASP B 59 -28.80 10.34 -19.25
CA ASP B 59 -28.76 9.12 -18.46
C ASP B 59 -28.99 7.94 -19.43
N ASN B 60 -28.47 6.79 -19.06
CA ASN B 60 -28.45 5.64 -19.90
C ASN B 60 -28.50 4.38 -19.02
N ALA B 61 -29.28 4.44 -17.96
CA ALA B 61 -29.42 3.33 -17.01
C ALA B 61 -30.12 2.08 -17.45
N VAL B 62 -29.71 0.97 -16.87
CA VAL B 62 -30.32 -0.34 -17.06
C VAL B 62 -30.23 -1.02 -15.68
N ALA B 70 -26.89 -4.92 -18.64
CA ALA B 70 -26.31 -3.64 -19.06
C ALA B 70 -25.00 -3.82 -19.80
N MET B 71 -24.18 -4.72 -19.25
CA MET B 71 -22.76 -4.92 -19.63
C MET B 71 -22.56 -5.45 -21.04
N THR B 72 -23.54 -6.27 -21.46
CA THR B 72 -23.61 -6.91 -22.76
C THR B 72 -23.89 -5.92 -23.89
N VAL B 73 -24.31 -4.71 -23.52
CA VAL B 73 -24.60 -3.62 -24.49
C VAL B 73 -23.81 -2.32 -24.18
N LEU B 74 -22.90 -2.44 -23.21
CA LEU B 74 -21.77 -1.57 -22.96
C LEU B 74 -20.58 -2.04 -23.79
N LYS B 75 -20.36 -3.37 -23.79
CA LYS B 75 -19.35 -4.06 -24.63
C LYS B 75 -19.40 -3.66 -26.12
N THR B 76 -20.61 -3.78 -26.70
CA THR B 76 -20.90 -3.25 -28.04
C THR B 76 -20.48 -1.80 -28.03
N ARG B 77 -21.18 -0.91 -27.31
CA ARG B 77 -20.90 0.56 -27.39
C ARG B 77 -19.41 1.02 -27.44
N ALA B 78 -18.60 0.49 -26.53
CA ALA B 78 -17.14 0.54 -26.63
C ALA B 78 -16.68 0.19 -28.05
N ILE B 79 -17.11 -0.97 -28.55
CA ILE B 79 -16.82 -1.35 -29.97
C ILE B 79 -17.93 -1.03 -31.02
N SER B 80 -18.76 -0.02 -30.74
CA SER B 80 -19.53 0.69 -31.76
C SER B 80 -18.77 2.00 -32.08
N GLY B 81 -17.46 1.99 -31.80
CA GLY B 81 -16.56 3.13 -31.98
C GLY B 81 -16.94 4.35 -31.16
N ASN B 82 -17.76 4.11 -30.12
CA ASN B 82 -18.52 5.14 -29.36
C ASN B 82 -18.85 4.70 -27.89
N PRO B 83 -17.85 4.72 -26.99
CA PRO B 83 -18.23 4.36 -25.64
C PRO B 83 -19.07 5.46 -24.98
N PRO B 84 -19.78 5.13 -23.92
CA PRO B 84 -20.42 6.19 -23.17
C PRO B 84 -19.37 6.87 -22.33
N SER B 85 -19.69 8.06 -21.84
CA SER B 85 -18.79 8.77 -20.93
C SER B 85 -18.35 7.88 -19.76
N ALA B 86 -19.27 7.11 -19.21
CA ALA B 86 -19.01 6.36 -18.01
C ALA B 86 -20.01 5.26 -17.79
N ALA B 87 -19.62 4.29 -16.98
CA ALA B 87 -20.45 3.13 -16.68
C ALA B 87 -20.16 2.51 -15.30
N GLN B 88 -21.23 2.03 -14.68
CA GLN B 88 -21.14 1.34 -13.43
C GLN B 88 -20.45 0.03 -13.74
N ILE B 89 -19.21 -0.04 -13.34
CA ILE B 89 -18.38 -1.16 -13.52
C ILE B 89 -17.68 -1.25 -12.16
N LYS B 90 -17.60 -2.44 -11.57
CA LYS B 90 -16.92 -2.58 -10.27
C LYS B 90 -15.86 -3.70 -10.08
N GLY B 91 -15.01 -3.48 -9.08
CA GLY B 91 -14.09 -4.48 -8.59
C GLY B 91 -13.07 -4.88 -9.62
N PRO B 92 -12.75 -6.19 -9.69
CA PRO B 92 -11.79 -6.63 -10.70
C PRO B 92 -12.24 -6.42 -12.13
N ASP B 93 -13.54 -6.38 -12.41
CA ASP B 93 -13.98 -6.06 -13.78
C ASP B 93 -13.26 -4.80 -14.32
N ILE B 94 -13.12 -3.79 -13.46
CA ILE B 94 -12.38 -2.54 -13.80
C ILE B 94 -11.03 -2.81 -14.45
N GLN B 95 -10.29 -3.75 -13.88
CA GLN B 95 -8.99 -4.13 -14.41
C GLN B 95 -9.10 -4.61 -15.87
N GLU B 96 -10.14 -5.37 -16.21
CA GLU B 96 -10.25 -5.83 -17.59
C GLU B 96 -10.44 -4.68 -18.57
N TRP B 97 -11.33 -3.76 -18.27
CA TRP B 97 -11.55 -2.59 -19.13
C TRP B 97 -10.31 -1.68 -19.22
N GLY B 98 -9.57 -1.60 -18.12
CA GLY B 98 -8.29 -0.90 -18.10
C GLY B 98 -7.31 -1.54 -19.07
N ALA B 99 -7.12 -2.85 -18.92
CA ALA B 99 -6.13 -3.60 -19.67
C ALA B 99 -6.38 -3.58 -21.17
N LEU B 100 -7.63 -3.49 -21.58
CA LEU B 100 -8.01 -3.31 -23.00
C LEU B 100 -7.65 -1.92 -23.52
N GLY B 101 -7.20 -1.04 -22.62
CA GLY B 101 -6.83 0.32 -22.98
C GLY B 101 -8.02 1.23 -23.24
N LEU B 102 -9.23 0.82 -22.85
CA LEU B 102 -10.46 1.59 -23.11
C LEU B 102 -10.78 2.67 -22.07
N LEU B 103 -10.11 2.69 -20.93
CA LEU B 103 -10.49 3.64 -19.89
C LEU B 103 -9.59 4.85 -19.93
N THR B 104 -10.07 5.96 -19.38
CA THR B 104 -9.28 7.17 -19.42
C THR B 104 -8.56 7.27 -18.10
N GLU B 105 -7.52 8.10 -18.05
CA GLU B 105 -6.71 8.30 -16.84
C GLU B 105 -7.11 9.63 -16.30
N LEU B 106 -7.49 9.65 -15.04
CA LEU B 106 -8.09 10.83 -14.42
C LEU B 106 -7.04 11.62 -13.66
N ASP B 107 -5.79 11.59 -14.11
CA ASP B 107 -4.72 12.27 -13.37
C ASP B 107 -5.07 13.70 -13.01
N ASP B 108 -5.51 14.49 -13.98
CA ASP B 108 -5.70 15.91 -13.78
C ASP B 108 -6.68 16.16 -12.66
N VAL B 109 -7.85 15.53 -12.78
CA VAL B 109 -8.91 15.76 -11.81
C VAL B 109 -8.58 15.16 -10.43
N ALA B 110 -7.90 14.01 -10.43
CA ALA B 110 -7.46 13.35 -9.19
C ALA B 110 -6.42 14.15 -8.41
N ALA B 111 -5.64 14.96 -9.11
CA ALA B 111 -4.66 15.82 -8.51
C ALA B 111 -5.30 17.12 -8.08
N ALA B 112 -6.03 17.78 -8.97
CA ALA B 112 -6.76 18.99 -8.56
C ALA B 112 -7.53 18.78 -7.28
N ASN B 113 -8.19 17.63 -7.15
CA ASN B 113 -9.12 17.40 -6.05
C ASN B 113 -8.62 16.41 -5.00
N LYS B 114 -7.36 15.97 -5.11
CA LYS B 114 -6.61 15.36 -3.98
C LYS B 114 -7.24 14.03 -3.50
N TRP B 115 -7.44 13.15 -4.47
CA TRP B 115 -8.15 11.91 -4.27
C TRP B 115 -7.41 10.96 -3.37
N ASP B 116 -6.09 10.83 -3.54
CA ASP B 116 -5.29 9.99 -2.63
C ASP B 116 -5.47 10.38 -1.16
N ASP B 117 -5.66 11.67 -0.88
CA ASP B 117 -5.89 12.16 0.49
C ASP B 117 -7.32 11.86 0.99
N LEU B 118 -8.25 11.76 0.04
CA LEU B 118 -9.65 11.64 0.33
C LEU B 118 -10.08 10.21 0.54
N LEU B 119 -9.50 9.29 -0.21
CA LEU B 119 -9.92 7.92 -0.27
C LEU B 119 -9.02 7.06 0.56
N PRO B 120 -9.60 6.09 1.24
CA PRO B 120 -8.84 5.10 1.93
C PRO B 120 -7.94 4.41 0.91
N ARG B 121 -6.70 4.12 1.28
CA ARG B 121 -5.76 3.43 0.40
C ARG B 121 -6.35 2.21 -0.32
N GLN B 122 -7.02 1.33 0.39
CA GLN B 122 -7.47 0.07 -0.20
C GLN B 122 -8.62 0.33 -1.21
N VAL B 123 -9.38 1.41 -1.00
CA VAL B 123 -10.36 1.85 -2.01
C VAL B 123 -9.66 2.38 -3.26
N ALA B 124 -8.79 3.37 -3.09
CA ALA B 124 -8.09 3.97 -4.20
C ALA B 124 -7.44 2.93 -5.08
N ASP B 125 -6.81 1.90 -4.51
CA ASP B 125 -6.11 0.90 -5.34
C ASP B 125 -7.03 0.14 -6.30
N ILE B 126 -8.25 -0.16 -5.87
CA ILE B 126 -9.24 -0.81 -6.73
C ILE B 126 -9.68 0.13 -7.87
N MET B 127 -9.61 1.44 -7.62
CA MET B 127 -9.94 2.44 -8.65
C MET B 127 -8.87 2.70 -9.71
N LYS B 128 -7.71 2.05 -9.62
CA LYS B 128 -6.59 2.37 -10.50
C LYS B 128 -6.23 1.22 -11.45
N TYR B 129 -5.80 1.55 -12.67
CA TYR B 129 -5.18 0.57 -13.55
C TYR B 129 -3.82 1.10 -13.86
N ASP B 130 -2.83 0.24 -13.60
CA ASP B 130 -1.43 0.60 -13.78
C ASP B 130 -1.08 1.94 -13.14
N GLY B 131 -1.68 2.18 -11.96
CA GLY B 131 -1.33 3.30 -11.10
C GLY B 131 -2.04 4.61 -11.37
N HIS B 132 -3.01 4.62 -12.29
CA HIS B 132 -3.80 5.81 -12.60
C HIS B 132 -5.25 5.57 -12.33
N TYR B 133 -5.90 6.54 -11.68
CA TYR B 133 -7.35 6.48 -11.49
C TYR B 133 -8.11 6.37 -12.82
N VAL B 134 -9.00 5.37 -12.90
CA VAL B 134 -9.85 5.15 -14.08
C VAL B 134 -11.34 5.01 -13.77
N ALA B 135 -11.65 5.04 -12.49
CA ALA B 135 -13.02 4.98 -12.00
C ALA B 135 -13.15 5.87 -10.78
N VAL B 136 -14.38 6.21 -10.47
CA VAL B 136 -14.73 7.05 -9.34
C VAL B 136 -15.61 6.20 -8.45
N PRO B 137 -15.21 6.04 -7.19
CA PRO B 137 -16.05 5.33 -6.24
C PRO B 137 -17.12 6.26 -5.65
N VAL B 138 -18.26 5.66 -5.33
CA VAL B 138 -19.47 6.43 -5.04
C VAL B 138 -20.12 6.15 -3.68
N ASN B 139 -19.89 4.94 -3.19
CA ASN B 139 -20.36 4.50 -1.86
C ASN B 139 -19.54 3.34 -1.34
N ILE B 140 -19.62 3.07 -0.03
CA ILE B 140 -19.10 1.81 0.52
C ILE B 140 -20.20 1.14 1.34
N HIS B 141 -20.74 0.04 0.81
CA HIS B 141 -21.63 -0.80 1.59
C HIS B 141 -20.85 -1.72 2.54
N ARG B 142 -21.53 -2.10 3.61
CA ARG B 142 -21.11 -3.22 4.42
C ARG B 142 -22.07 -4.37 4.21
N VAL B 143 -21.52 -5.55 3.95
CA VAL B 143 -22.29 -6.73 3.69
C VAL B 143 -22.51 -7.51 4.95
N ASN B 144 -21.53 -7.54 5.87
CA ASN B 144 -21.63 -8.48 7.01
C ASN B 144 -22.39 -7.91 8.22
N TRP B 145 -23.65 -7.46 8.03
CA TRP B 145 -24.49 -7.06 9.15
C TRP B 145 -25.56 -8.08 9.45
N LEU B 146 -26.04 -7.98 10.70
CA LEU B 146 -27.27 -8.61 11.15
C LEU B 146 -28.24 -7.57 11.70
N TRP B 147 -29.46 -7.57 11.14
CA TRP B 147 -30.53 -6.64 11.54
C TRP B 147 -31.48 -7.31 12.56
N ILE B 148 -31.69 -6.59 13.66
CA ILE B 148 -32.41 -7.09 14.81
C ILE B 148 -33.57 -6.15 15.12
N ASN B 149 -34.70 -6.76 15.49
CA ASN B 149 -35.84 -6.01 16.06
C ASN B 149 -35.82 -6.06 17.60
N PRO B 150 -35.36 -4.99 18.26
CA PRO B 150 -35.23 -5.04 19.72
C PRO B 150 -36.52 -5.33 20.50
N GLN B 151 -37.66 -4.81 20.03
CA GLN B 151 -38.94 -5.11 20.67
C GLN B 151 -39.24 -6.63 20.62
N VAL B 152 -38.97 -7.24 19.46
CA VAL B 152 -39.19 -8.67 19.26
C VAL B 152 -38.23 -9.51 20.11
N PHE B 153 -36.97 -9.08 20.22
CA PHE B 153 -36.02 -9.81 21.09
C PHE B 153 -36.49 -9.77 22.53
N ASP B 154 -36.81 -8.55 23.01
CA ASP B 154 -37.40 -8.33 24.35
C ASP B 154 -38.51 -9.32 24.64
N LYS B 155 -39.52 -9.33 23.76
CA LYS B 155 -40.68 -10.19 23.91
C LYS B 155 -40.28 -11.69 24.00
N ALA B 156 -39.28 -12.12 23.20
CA ALA B 156 -38.90 -13.52 23.18
C ALA B 156 -37.92 -13.88 24.30
N GLY B 157 -37.45 -12.87 25.02
CA GLY B 157 -36.42 -13.04 26.05
C GLY B 157 -35.07 -13.44 25.47
N ALA B 158 -34.81 -12.98 24.23
CA ALA B 158 -33.60 -13.40 23.48
C ALA B 158 -32.49 -12.40 23.61
N LYS B 159 -31.25 -12.85 23.70
CA LYS B 159 -30.07 -11.97 23.64
C LYS B 159 -29.61 -11.70 22.22
N VAL B 160 -29.23 -10.45 21.95
CA VAL B 160 -28.64 -10.10 20.63
C VAL B 160 -27.30 -10.87 20.52
N PRO B 161 -27.15 -11.67 19.43
CA PRO B 161 -26.05 -12.64 19.29
C PRO B 161 -24.69 -12.10 18.91
N THR B 162 -23.66 -12.60 19.57
CA THR B 162 -22.29 -12.15 19.37
C THR B 162 -21.42 -13.28 18.75
N THR B 163 -21.93 -14.50 18.81
CA THR B 163 -21.26 -15.64 18.25
C THR B 163 -22.33 -16.46 17.46
N LEU B 164 -21.88 -17.37 16.59
CA LEU B 164 -22.79 -18.33 15.97
C LEU B 164 -23.55 -19.16 17.00
N ASP B 165 -22.92 -19.56 18.09
CA ASP B 165 -23.72 -20.36 18.99
C ASP B 165 -24.87 -19.51 19.56
N GLU B 166 -24.64 -18.23 19.80
CA GLU B 166 -25.64 -17.36 20.31
C GLU B 166 -26.61 -16.98 19.20
N LEU B 167 -26.21 -17.13 17.94
CA LEU B 167 -27.16 -16.86 16.87
C LEU B 167 -28.23 -17.97 16.87
N PHE B 168 -27.79 -19.21 17.08
CA PHE B 168 -28.72 -20.36 17.23
C PHE B 168 -29.59 -20.34 18.46
N ALA B 169 -28.99 -19.95 19.57
CA ALA B 169 -29.73 -19.79 20.81
C ALA B 169 -30.85 -18.77 20.57
N ALA B 170 -30.53 -17.66 19.92
CA ALA B 170 -31.51 -16.63 19.60
C ALA B 170 -32.60 -17.14 18.66
N ALA B 171 -32.29 -17.96 17.66
CA ALA B 171 -33.35 -18.51 16.80
C ALA B 171 -34.30 -19.47 17.53
N ASP B 172 -33.74 -20.32 18.40
CA ASP B 172 -34.54 -21.16 19.30
C ASP B 172 -35.52 -20.36 20.16
N LYS B 173 -35.04 -19.25 20.75
CA LYS B 173 -35.91 -18.36 21.52
C LYS B 173 -37.01 -17.73 20.69
N LEU B 174 -36.68 -17.20 19.53
CA LEU B 174 -37.70 -16.56 18.69
C LEU B 174 -38.76 -17.58 18.28
N LYS B 175 -38.30 -18.77 17.91
CA LYS B 175 -39.20 -19.87 17.60
C LYS B 175 -40.15 -20.19 18.79
N ALA B 176 -39.58 -20.63 19.91
CA ALA B 176 -40.35 -20.80 21.17
C ALA B 176 -41.40 -19.70 21.48
N ALA B 177 -41.13 -18.45 21.13
CA ALA B 177 -42.06 -17.36 21.40
C ALA B 177 -43.02 -17.08 20.26
N GLY B 178 -43.03 -17.94 19.24
CA GLY B 178 -43.93 -17.78 18.11
C GLY B 178 -43.55 -16.71 17.09
N PHE B 179 -42.26 -16.46 16.89
CA PHE B 179 -41.78 -15.54 15.88
C PHE B 179 -41.10 -16.32 14.76
N ILE B 180 -41.12 -15.78 13.54
CA ILE B 180 -40.29 -16.26 12.45
C ILE B 180 -38.89 -15.91 12.90
N PRO B 181 -38.03 -16.90 13.13
CA PRO B 181 -36.75 -16.47 13.69
C PRO B 181 -35.96 -15.67 12.68
N LEU B 182 -35.88 -16.25 11.49
CA LEU B 182 -35.05 -15.67 10.47
C LEU B 182 -35.83 -15.23 9.25
N ALA B 183 -35.83 -13.93 9.01
CA ALA B 183 -36.41 -13.41 7.80
C ALA B 183 -35.37 -13.58 6.69
N HIS B 184 -35.70 -14.40 5.70
CA HIS B 184 -34.82 -14.59 4.57
C HIS B 184 -35.64 -14.69 3.29
N GLY B 185 -35.09 -14.15 2.19
CA GLY B 185 -35.71 -14.26 0.85
C GLY B 185 -35.22 -15.48 0.11
N GLY B 186 -35.92 -15.83 -0.96
CA GLY B 186 -35.52 -16.97 -1.77
C GLY B 186 -34.83 -16.62 -3.08
N GLN B 187 -33.71 -15.91 -3.03
CA GLN B 187 -32.96 -15.63 -4.25
C GLN B 187 -31.50 -15.97 -4.05
N PRO B 188 -30.87 -16.51 -5.09
CA PRO B 188 -29.52 -16.98 -4.86
C PRO B 188 -28.56 -15.94 -4.30
N TRP B 189 -28.67 -14.67 -4.67
CA TRP B 189 -27.74 -13.70 -4.12
C TRP B 189 -27.89 -13.51 -2.58
N GLN B 190 -29.11 -13.60 -2.09
CA GLN B 190 -29.39 -13.59 -0.64
C GLN B 190 -28.86 -14.85 0.07
N ASP B 191 -29.06 -15.99 -0.57
CA ASP B 191 -28.51 -17.22 -0.03
C ASP B 191 -26.98 -17.09 0.21
N SER B 192 -26.31 -16.50 -0.79
CA SER B 192 -24.87 -16.35 -0.83
C SER B 192 -24.37 -15.26 0.07
N THR B 193 -25.18 -14.23 0.31
CA THR B 193 -24.86 -13.24 1.33
C THR B 193 -24.76 -13.93 2.71
N VAL B 194 -25.72 -14.79 3.06
CA VAL B 194 -25.58 -15.62 4.24
C VAL B 194 -24.33 -16.56 4.17
N PHE B 195 -24.12 -17.25 3.07
CA PHE B 195 -22.96 -18.12 2.99
C PHE B 195 -21.62 -17.38 3.24
N GLU B 196 -21.46 -16.26 2.58
CA GLU B 196 -20.23 -15.53 2.68
C GLU B 196 -19.98 -14.96 4.10
N ASP B 197 -21.08 -14.62 4.78
CA ASP B 197 -21.04 -14.24 6.17
C ASP B 197 -20.48 -15.34 7.04
N LEU B 198 -21.04 -16.52 6.81
CA LEU B 198 -20.60 -17.72 7.46
C LEU B 198 -19.16 -18.03 7.16
N VAL B 199 -18.73 -17.84 5.93
CA VAL B 199 -17.31 -17.98 5.62
C VAL B 199 -16.46 -16.95 6.39
N LEU B 200 -16.92 -15.71 6.45
CA LEU B 200 -16.14 -14.70 7.17
C LEU B 200 -16.07 -15.05 8.65
N SER B 201 -17.19 -15.49 9.23
CA SER B 201 -17.26 -15.94 10.63
C SER B 201 -16.34 -17.10 10.98
N ILE B 202 -16.48 -18.18 10.24
CA ILE B 202 -15.83 -19.44 10.59
C ILE B 202 -14.35 -19.46 10.20
N LEU B 203 -14.03 -19.01 9.00
CA LEU B 203 -12.67 -19.00 8.49
C LEU B 203 -11.85 -17.75 8.89
N GLY B 204 -12.50 -16.65 9.26
CA GLY B 204 -11.83 -15.37 9.59
C GLY B 204 -11.49 -14.56 8.35
N PRO B 205 -10.96 -13.32 8.52
CA PRO B 205 -10.66 -12.53 7.31
C PRO B 205 -9.62 -13.11 6.37
N LYS B 206 -8.67 -13.89 6.89
CA LYS B 206 -7.60 -14.49 6.05
C LYS B 206 -8.08 -15.61 5.10
N GLY B 207 -8.85 -16.54 5.65
CA GLY B 207 -9.38 -17.64 4.88
C GLY B 207 -10.45 -17.08 3.97
N TYR B 208 -11.21 -16.11 4.45
CA TYR B 208 -12.17 -15.44 3.64
C TYR B 208 -11.47 -14.97 2.39
N HIS B 209 -10.31 -14.35 2.57
CA HIS B 209 -9.58 -13.73 1.47
C HIS B 209 -9.02 -14.78 0.50
N ALA B 210 -8.56 -15.90 1.04
CA ALA B 210 -8.03 -17.01 0.26
C ALA B 210 -9.15 -17.67 -0.56
N ALA B 211 -10.31 -17.80 0.07
CA ALA B 211 -11.45 -18.41 -0.57
C ALA B 211 -11.91 -17.56 -1.75
N PHE B 212 -12.21 -16.29 -1.50
CA PHE B 212 -12.95 -15.43 -2.44
C PHE B 212 -12.14 -14.41 -3.24
N VAL B 213 -10.98 -13.95 -2.73
CA VAL B 213 -10.05 -13.17 -3.60
C VAL B 213 -9.17 -14.16 -4.39
N ASP B 214 -8.51 -15.04 -3.67
CA ASP B 214 -7.51 -15.93 -4.28
C ASP B 214 -8.09 -17.17 -4.92
N LEU B 215 -9.34 -17.55 -4.64
CA LEU B 215 -9.91 -18.81 -5.13
C LEU B 215 -9.03 -20.01 -4.82
N ASP B 216 -8.50 -20.01 -3.60
CA ASP B 216 -7.54 -20.98 -3.13
C ASP B 216 -8.14 -22.38 -2.95
N GLU B 217 -7.69 -23.32 -3.76
CA GLU B 217 -8.27 -24.65 -3.77
C GLU B 217 -8.40 -25.32 -2.41
N LYS B 218 -7.34 -25.28 -1.63
CA LYS B 218 -7.32 -26.02 -0.37
C LYS B 218 -8.16 -25.30 0.73
N THR B 219 -8.40 -23.98 0.58
CA THR B 219 -9.39 -23.34 1.41
C THR B 219 -10.80 -23.74 0.94
N LEU B 220 -11.02 -23.71 -0.37
CA LEU B 220 -12.34 -23.99 -0.89
C LEU B 220 -12.82 -25.42 -0.58
N THR B 221 -11.89 -26.36 -0.50
CA THR B 221 -12.28 -27.75 -0.17
C THR B 221 -11.91 -28.14 1.26
N GLY B 222 -11.40 -27.19 2.03
CA GLY B 222 -10.94 -27.47 3.41
C GLY B 222 -12.10 -27.63 4.37
N PRO B 223 -11.81 -28.07 5.61
CA PRO B 223 -12.84 -28.49 6.53
C PRO B 223 -13.57 -27.29 7.13
N GLN B 224 -12.91 -26.15 7.16
CA GLN B 224 -13.54 -24.97 7.67
C GLN B 224 -14.59 -24.50 6.71
N MET B 225 -14.41 -24.73 5.41
CA MET B 225 -15.47 -24.35 4.45
C MET B 225 -16.56 -25.42 4.58
N THR B 226 -16.15 -26.62 4.98
CA THR B 226 -17.15 -27.66 5.15
C THR B 226 -18.06 -27.26 6.30
N GLU B 227 -17.50 -26.69 7.38
CA GLU B 227 -18.25 -26.20 8.53
C GLU B 227 -19.15 -25.02 8.14
N ALA B 228 -18.72 -24.14 7.24
CA ALA B 228 -19.59 -23.10 6.69
C ALA B 228 -20.85 -23.66 6.03
N PHE B 229 -20.72 -24.66 5.18
CA PHE B 229 -21.91 -25.23 4.52
C PHE B 229 -22.83 -25.95 5.53
N ALA B 230 -22.26 -26.69 6.48
CA ALA B 230 -23.06 -27.41 7.48
C ALA B 230 -23.84 -26.41 8.32
N THR B 231 -23.23 -25.28 8.59
CA THR B 231 -23.82 -24.25 9.41
C THR B 231 -24.89 -23.55 8.59
N LEU B 232 -24.67 -23.43 7.27
CA LEU B 232 -25.67 -22.86 6.37
C LEU B 232 -26.90 -23.73 6.37
N LYS B 233 -26.70 -25.05 6.33
CA LYS B 233 -27.81 -26.02 6.35
C LYS B 233 -28.59 -25.92 7.64
N ARG B 234 -27.91 -25.86 8.77
CA ARG B 234 -28.61 -25.69 10.03
C ARG B 234 -29.47 -24.43 10.05
N LEU B 235 -28.89 -23.36 9.55
CA LEU B 235 -29.52 -22.07 9.64
C LEU B 235 -30.72 -22.04 8.68
N GLY B 236 -30.56 -22.76 7.57
CA GLY B 236 -31.66 -22.99 6.66
C GLY B 236 -32.91 -23.52 7.32
N THR B 237 -32.72 -24.34 8.36
CA THR B 237 -33.88 -24.95 9.04
C THR B 237 -34.69 -23.95 9.87
N TYR B 238 -34.21 -22.72 10.03
CA TYR B 238 -34.97 -21.65 10.70
C TYR B 238 -35.61 -20.66 9.69
N MET B 239 -35.56 -21.03 8.42
CA MET B 239 -36.18 -20.20 7.41
C MET B 239 -37.51 -20.81 7.02
N ASP B 240 -38.40 -19.93 6.57
CA ASP B 240 -39.74 -20.22 6.07
C ASP B 240 -39.60 -20.99 4.78
N PRO B 241 -40.11 -22.23 4.72
CA PRO B 241 -39.91 -23.08 3.53
C PRO B 241 -40.55 -22.58 2.22
N ASN B 242 -41.65 -21.83 2.29
CA ASN B 242 -42.20 -21.16 1.07
C ASN B 242 -41.76 -19.71 0.96
N ARG B 243 -40.50 -19.53 0.61
CA ARG B 243 -39.86 -18.22 0.49
C ARG B 243 -39.31 -18.03 -0.93
N ALA B 244 -39.39 -19.06 -1.78
CA ALA B 244 -38.79 -19.00 -3.12
C ALA B 244 -39.23 -17.73 -3.82
N GLY B 245 -38.27 -16.97 -4.34
CA GLY B 245 -38.56 -15.79 -5.16
C GLY B 245 -38.91 -14.51 -4.44
N ARG B 246 -38.80 -14.52 -3.13
CA ARG B 246 -39.14 -13.37 -2.31
C ARG B 246 -37.99 -12.34 -2.30
N ASP B 247 -38.34 -11.09 -2.59
CA ASP B 247 -37.35 -10.01 -2.61
C ASP B 247 -36.85 -9.69 -1.18
N TRP B 248 -35.65 -9.14 -1.10
CA TRP B 248 -35.00 -8.82 0.18
C TRP B 248 -35.86 -7.93 1.08
N ASN B 249 -36.50 -6.94 0.46
CA ASN B 249 -37.34 -5.98 1.18
C ASN B 249 -38.57 -6.59 1.80
N ILE B 250 -39.06 -7.66 1.18
CA ILE B 250 -40.17 -8.43 1.70
C ILE B 250 -39.72 -9.12 2.97
N ALA B 251 -38.50 -9.66 2.94
CA ALA B 251 -37.92 -10.19 4.18
C ALA B 251 -37.70 -9.09 5.24
N ALA B 252 -37.20 -7.95 4.77
CA ALA B 252 -37.05 -6.79 5.64
C ALA B 252 -38.37 -6.36 6.28
N ALA B 253 -39.45 -6.39 5.51
CA ALA B 253 -40.76 -6.00 6.02
C ALA B 253 -41.22 -6.88 7.18
N GLU B 254 -40.88 -8.16 7.10
CA GLU B 254 -41.19 -9.10 8.16
C GLU B 254 -40.59 -8.71 9.52
N VAL B 255 -39.36 -8.22 9.49
CA VAL B 255 -38.72 -7.75 10.72
C VAL B 255 -39.33 -6.40 11.12
N ILE B 256 -39.41 -5.49 10.17
CA ILE B 256 -40.02 -4.15 10.38
C ILE B 256 -41.42 -4.23 11.01
N ASN B 257 -42.22 -5.24 10.63
CA ASN B 257 -43.62 -5.39 11.10
C ASN B 257 -43.78 -6.26 12.33
N GLY B 258 -42.69 -6.73 12.93
CA GLY B 258 -42.77 -7.49 14.18
C GLY B 258 -43.10 -8.98 14.08
N LYS B 259 -42.93 -9.55 12.89
CA LYS B 259 -43.22 -10.94 12.60
C LYS B 259 -41.94 -11.76 12.64
N ALA B 260 -40.79 -11.11 12.51
CA ALA B 260 -39.53 -11.81 12.66
C ALA B 260 -38.54 -11.03 13.51
N GLY B 261 -37.51 -11.72 14.01
CA GLY B 261 -36.55 -11.08 14.91
C GLY B 261 -35.37 -10.49 14.17
N MET B 262 -34.94 -11.14 13.08
CA MET B 262 -33.67 -10.86 12.44
C MET B 262 -33.75 -10.96 10.92
N GLN B 263 -32.91 -10.19 10.24
CA GLN B 263 -32.53 -10.48 8.89
C GLN B 263 -31.02 -10.31 8.68
N ILE B 264 -30.41 -11.32 8.06
CA ILE B 264 -29.00 -11.31 7.63
C ILE B 264 -28.89 -10.68 6.25
N MET B 265 -28.38 -9.43 6.16
CA MET B 265 -28.31 -8.72 4.86
C MET B 265 -27.38 -7.54 4.96
N GLY B 266 -26.88 -7.09 3.80
CA GLY B 266 -26.02 -5.89 3.72
C GLY B 266 -26.69 -4.62 4.26
N ASP B 267 -25.97 -3.50 4.29
CA ASP B 267 -26.58 -2.27 4.82
C ASP B 267 -27.57 -1.64 3.85
N TRP B 268 -27.65 -2.10 2.59
CA TRP B 268 -28.78 -1.69 1.71
C TRP B 268 -30.15 -1.91 2.32
N ALA B 269 -30.27 -2.80 3.30
CA ALA B 269 -31.56 -3.07 3.93
C ALA B 269 -32.09 -1.94 4.81
N LYS B 270 -31.23 -1.00 5.15
CA LYS B 270 -31.61 0.09 6.02
C LYS B 270 -32.61 0.96 5.27
N SER B 271 -32.62 0.93 3.94
CA SER B 271 -33.52 1.80 3.17
C SER B 271 -34.98 1.36 3.22
N GLU B 272 -35.27 0.11 3.60
CA GLU B 272 -36.66 -0.24 3.95
C GLU B 272 -37.10 0.25 5.29
N TRP B 273 -36.19 0.19 6.26
CA TRP B 273 -36.46 0.76 7.54
C TRP B 273 -36.78 2.26 7.44
N SER B 274 -35.87 3.04 6.86
CA SER B 274 -36.12 4.45 6.60
C SER B 274 -37.41 4.75 5.83
N ALA B 275 -37.63 4.04 4.73
CA ALA B 275 -38.82 4.28 3.93
C ALA B 275 -40.07 4.04 4.76
N ALA B 276 -40.04 3.05 5.66
CA ALA B 276 -41.16 2.84 6.58
C ALA B 276 -41.16 3.77 7.82
N GLY B 277 -40.34 4.81 7.78
CA GLY B 277 -40.19 5.75 8.89
C GLY B 277 -39.43 5.32 10.13
N LYS B 278 -38.67 4.24 10.11
CA LYS B 278 -38.03 3.73 11.36
C LYS B 278 -36.60 4.22 11.56
N VAL B 279 -36.19 4.32 12.81
CA VAL B 279 -34.91 4.95 13.16
C VAL B 279 -33.99 3.99 13.94
N ALA B 280 -32.70 4.04 13.63
CA ALA B 280 -31.64 3.27 14.31
C ALA B 280 -31.64 3.36 15.82
N GLY B 281 -31.33 2.25 16.48
CA GLY B 281 -31.36 2.16 17.96
C GLY B 281 -32.76 2.04 18.52
N LYS B 282 -33.60 3.00 18.16
CA LYS B 282 -34.95 3.05 18.68
C LYS B 282 -35.82 1.90 18.10
N ASP B 283 -35.73 1.69 16.79
CA ASP B 283 -36.57 0.69 16.12
C ASP B 283 -35.84 -0.54 15.69
N TYR B 284 -34.55 -0.43 15.46
CA TYR B 284 -33.77 -1.53 14.95
C TYR B 284 -32.30 -1.34 15.31
N GLN B 285 -31.55 -2.43 15.16
CA GLN B 285 -30.25 -2.55 15.76
C GLN B 285 -29.42 -3.34 14.78
N CYS B 286 -28.23 -2.83 14.49
CA CYS B 286 -27.37 -3.40 13.51
C CYS B 286 -26.17 -3.90 14.30
N VAL B 287 -25.95 -5.21 14.30
CA VAL B 287 -24.72 -5.74 14.88
C VAL B 287 -23.97 -6.45 13.75
N ALA B 288 -22.65 -6.47 13.86
CA ALA B 288 -21.81 -7.24 12.94
C ALA B 288 -22.25 -8.69 12.97
N PHE B 289 -22.17 -9.35 11.83
CA PHE B 289 -22.55 -10.75 11.79
C PHE B 289 -21.69 -11.51 12.84
N PRO B 290 -22.35 -12.35 13.65
CA PRO B 290 -21.71 -13.09 14.71
C PRO B 290 -20.48 -13.90 14.29
N GLY B 291 -19.38 -13.66 14.99
CA GLY B 291 -18.07 -14.21 14.65
C GLY B 291 -17.20 -13.33 13.76
N THR B 292 -17.77 -12.29 13.13
CA THR B 292 -17.04 -11.45 12.19
C THR B 292 -16.71 -10.06 12.75
N GLN B 293 -16.97 -9.86 14.04
CA GLN B 293 -16.47 -8.67 14.74
C GLN B 293 -15.03 -8.38 14.28
N GLY B 294 -14.74 -7.14 13.97
CA GLY B 294 -13.40 -6.74 13.51
C GLY B 294 -13.12 -6.84 12.01
N SER B 295 -13.94 -7.62 11.28
CA SER B 295 -13.90 -7.71 9.84
C SER B 295 -14.99 -6.84 9.19
N PHE B 296 -14.63 -6.20 8.06
CA PHE B 296 -15.55 -5.39 7.23
C PHE B 296 -15.48 -5.94 5.82
N ALA B 297 -16.54 -6.59 5.41
CA ALA B 297 -16.72 -7.05 4.03
C ALA B 297 -17.30 -5.91 3.19
N TYR B 298 -16.49 -5.29 2.32
CA TYR B 298 -16.92 -4.11 1.59
C TYR B 298 -17.50 -4.42 0.20
N ASN B 299 -18.44 -3.58 -0.19
CA ASN B 299 -19.02 -3.61 -1.51
C ASN B 299 -19.11 -2.19 -2.03
N ILE B 300 -18.27 -1.84 -3.00
CA ILE B 300 -18.07 -0.46 -3.41
C ILE B 300 -18.54 -0.32 -4.84
N ASP B 301 -19.53 0.53 -5.09
CA ASP B 301 -19.92 0.84 -6.49
C ASP B 301 -19.07 1.97 -7.08
N SER B 302 -18.88 1.91 -8.38
CA SER B 302 -17.93 2.80 -9.07
C SER B 302 -18.36 3.05 -10.48
N LEU B 303 -18.05 4.24 -10.99
CA LEU B 303 -18.28 4.56 -12.40
C LEU B 303 -16.95 4.52 -13.11
N ALA B 304 -16.78 3.66 -14.12
CA ALA B 304 -15.52 3.58 -14.86
C ALA B 304 -15.59 4.62 -15.94
N MET B 305 -14.52 5.41 -16.12
CA MET B 305 -14.51 6.49 -17.09
C MET B 305 -13.84 6.10 -18.41
N PHE B 306 -14.57 6.16 -19.52
CA PHE B 306 -14.00 5.70 -20.80
C PHE B 306 -13.16 6.79 -21.47
N LYS B 307 -12.10 6.35 -22.14
CA LYS B 307 -11.29 7.20 -22.98
C LYS B 307 -12.27 7.69 -24.06
N LEU B 308 -12.29 9.01 -24.20
CA LEU B 308 -13.14 9.68 -25.19
C LEU B 308 -12.31 10.44 -26.21
N LYS B 309 -13.00 10.87 -27.26
CA LYS B 309 -12.41 11.49 -28.42
C LYS B 309 -12.66 13.00 -28.48
N ASP B 310 -13.60 13.49 -27.69
CA ASP B 310 -14.06 14.85 -27.82
C ASP B 310 -13.58 15.71 -26.69
N ALA B 311 -13.02 16.86 -27.04
CA ALA B 311 -12.42 17.76 -26.05
C ALA B 311 -13.42 18.16 -24.98
N ASN B 312 -14.56 18.65 -25.45
CA ASN B 312 -15.64 19.08 -24.58
C ASN B 312 -16.31 17.93 -23.84
N ASP B 313 -16.36 16.74 -24.42
CA ASP B 313 -16.94 15.64 -23.66
C ASP B 313 -15.98 15.22 -22.56
N ILE B 314 -14.68 15.42 -22.78
CA ILE B 314 -13.66 15.14 -21.78
C ILE B 314 -13.76 16.16 -20.65
N LYS B 315 -13.97 17.43 -20.97
CA LYS B 315 -14.23 18.41 -19.90
C LYS B 315 -15.42 17.95 -19.02
N ALA B 316 -16.54 17.56 -19.62
CA ALA B 316 -17.72 17.10 -18.86
C ALA B 316 -17.43 15.85 -18.06
N GLN B 317 -16.65 14.95 -18.64
CA GLN B 317 -16.28 13.73 -17.96
C GLN B 317 -15.49 14.02 -16.68
N ASN B 318 -14.52 14.93 -16.75
CA ASN B 318 -13.78 15.36 -15.59
C ASN B 318 -14.71 15.99 -14.57
N ASP B 319 -15.61 16.88 -14.98
CA ASP B 319 -16.54 17.47 -14.05
C ASP B 319 -17.37 16.38 -13.35
N LEU B 320 -17.79 15.32 -14.05
CA LEU B 320 -18.60 14.24 -13.44
C LEU B 320 -17.80 13.46 -12.41
N ALA B 321 -16.57 13.12 -12.74
CA ALA B 321 -15.72 12.37 -11.84
C ALA B 321 -15.42 13.14 -10.57
N LYS B 322 -15.23 14.46 -10.71
CA LYS B 322 -15.02 15.32 -9.56
C LYS B 322 -16.28 15.43 -8.69
N VAL B 323 -17.40 15.74 -9.31
CA VAL B 323 -18.62 16.02 -8.59
C VAL B 323 -19.10 14.78 -7.86
N ALA B 324 -18.93 13.62 -8.48
CA ALA B 324 -19.31 12.38 -7.85
C ALA B 324 -18.53 12.14 -6.53
N LEU B 325 -17.41 12.80 -6.35
CA LEU B 325 -16.67 12.59 -5.11
C LEU B 325 -16.82 13.75 -4.16
N GLU B 326 -17.75 14.65 -4.46
CA GLU B 326 -17.87 15.87 -3.66
C GLU B 326 -18.93 15.69 -2.57
N PRO B 327 -18.89 16.49 -1.51
CA PRO B 327 -19.83 16.34 -0.40
C PRO B 327 -21.34 16.18 -0.79
N GLU B 328 -21.94 17.13 -1.51
CA GLU B 328 -23.40 17.08 -1.79
C GLU B 328 -23.84 15.69 -2.28
N PHE B 329 -23.23 15.20 -3.35
CA PHE B 329 -23.63 13.91 -3.91
C PHE B 329 -23.31 12.72 -2.98
N GLN B 330 -22.11 12.75 -2.39
CA GLN B 330 -21.67 11.71 -1.45
C GLN B 330 -22.63 11.57 -0.30
N THR B 331 -23.11 12.72 0.20
CA THR B 331 -24.16 12.76 1.24
C THR B 331 -25.50 12.17 0.78
N VAL B 332 -26.16 12.84 -0.14
CA VAL B 332 -27.49 12.44 -0.60
C VAL B 332 -27.55 11.00 -1.06
N PHE B 333 -26.58 10.57 -1.87
CA PHE B 333 -26.58 9.24 -2.45
C PHE B 333 -26.53 8.16 -1.35
N ASN B 334 -25.66 8.34 -0.38
CA ASN B 334 -25.46 7.35 0.68
C ASN B 334 -26.50 7.42 1.81
N GLN B 335 -26.91 8.63 2.14
CA GLN B 335 -28.13 8.68 2.86
C GLN B 335 -29.08 7.99 1.89
N ASN B 336 -30.15 7.41 2.34
CA ASN B 336 -31.11 6.80 1.43
C ASN B 336 -30.68 5.62 0.55
N LYS B 337 -29.56 5.00 0.84
CA LYS B 337 -29.07 3.86 0.16
C LYS B 337 -28.64 3.05 1.33
N GLY B 338 -28.20 3.72 2.37
CA GLY B 338 -27.81 2.94 3.56
C GLY B 338 -26.34 2.62 3.64
N SER B 339 -25.56 3.04 2.67
CA SER B 339 -24.10 2.83 2.66
C SER B 339 -23.37 4.01 3.28
N LEU B 340 -22.06 3.85 3.50
CA LEU B 340 -21.14 4.97 3.86
C LEU B 340 -20.71 5.78 2.65
N PRO B 341 -20.41 7.07 2.85
CA PRO B 341 -19.68 7.82 1.82
C PRO B 341 -18.21 7.40 1.74
N VAL B 342 -17.62 7.52 0.56
CA VAL B 342 -16.28 6.97 0.33
C VAL B 342 -15.15 7.94 0.70
N ARG B 343 -15.46 9.25 0.73
CA ARG B 343 -14.61 10.27 1.37
C ARG B 343 -14.39 10.10 2.86
N GLN B 344 -13.15 10.29 3.30
CA GLN B 344 -12.79 10.04 4.70
C GLN B 344 -13.13 11.24 5.58
N ASP B 345 -13.27 12.41 4.96
CA ASP B 345 -13.32 13.66 5.72
C ASP B 345 -14.76 14.15 6.07
N MET B 346 -15.74 13.25 5.95
CA MET B 346 -17.12 13.57 6.03
C MET B 346 -17.55 13.27 7.43
N ASP B 347 -18.30 14.24 7.93
CA ASP B 347 -19.20 14.18 9.10
C ASP B 347 -20.23 13.07 9.00
N MET B 348 -20.00 12.10 9.86
CA MET B 348 -20.95 11.04 10.09
C MET B 348 -22.22 11.46 10.80
N SER B 349 -22.21 12.68 11.34
CA SER B 349 -23.40 13.24 12.01
C SER B 349 -24.55 13.48 11.06
N LYS B 350 -24.22 13.69 9.78
CA LYS B 350 -25.25 13.96 8.81
C LYS B 350 -26.02 12.67 8.42
N PHE B 351 -25.66 11.53 9.06
CA PHE B 351 -26.15 10.18 8.73
C PHE B 351 -26.72 9.45 9.94
N ASP B 352 -27.33 8.27 9.75
CA ASP B 352 -27.83 7.51 10.91
C ASP B 352 -26.75 6.79 11.76
N ALA B 353 -27.16 6.29 12.93
CA ALA B 353 -26.30 5.65 13.92
C ALA B 353 -25.83 4.31 13.45
N CYS B 354 -26.38 3.84 12.34
CA CYS B 354 -25.89 2.60 11.77
C CYS B 354 -24.78 2.88 10.74
N THR B 355 -24.93 3.95 9.96
CA THR B 355 -23.83 4.50 9.16
C THR B 355 -22.63 4.91 10.03
N GLN B 356 -22.87 5.54 11.18
CA GLN B 356 -21.76 5.87 12.08
C GLN B 356 -21.07 4.62 12.65
N LYS B 357 -21.84 3.58 12.95
CA LYS B 357 -21.25 2.34 13.46
C LYS B 357 -20.40 1.70 12.38
N SER B 358 -20.98 1.62 11.18
CA SER B 358 -20.28 1.11 10.03
C SER B 358 -18.91 1.78 9.87
N ALA B 359 -18.88 3.10 10.06
CA ALA B 359 -17.67 3.87 9.82
C ALA B 359 -16.57 3.56 10.84
N ALA B 360 -16.93 3.41 12.11
CA ALA B 360 -15.96 3.06 13.17
C ALA B 360 -15.43 1.64 12.93
N ASP B 361 -16.34 0.78 12.49
CA ASP B 361 -16.02 -0.59 12.16
C ASP B 361 -15.12 -0.70 10.93
N PHE B 362 -15.32 0.20 9.97
CA PHE B 362 -14.46 0.22 8.80
C PHE B 362 -13.05 0.61 9.24
N LYS B 363 -12.94 1.66 10.06
CA LYS B 363 -11.65 2.17 10.60
C LYS B 363 -10.90 1.08 11.38
N GLU B 364 -11.62 0.41 12.25
CA GLU B 364 -11.03 -0.69 12.99
C GLU B 364 -10.47 -1.78 12.03
N ALA B 365 -11.25 -2.14 11.02
CA ALA B 365 -10.91 -3.23 10.09
C ALA B 365 -9.72 -2.89 9.21
N ALA B 366 -9.77 -1.68 8.68
CA ALA B 366 -8.73 -1.11 7.84
C ALA B 366 -7.40 -1.10 8.60
N LYS B 367 -7.44 -0.77 9.88
CA LYS B 367 -6.27 -0.82 10.76
C LYS B 367 -5.51 -2.15 10.70
N GLY B 368 -6.23 -3.27 10.55
CA GLY B 368 -5.59 -4.59 10.48
C GLY B 368 -6.04 -5.41 9.28
N ASP B 369 -6.25 -6.72 9.45
CA ASP B 369 -6.53 -7.60 8.30
C ASP B 369 -8.04 -7.84 8.07
N GLY B 370 -8.87 -6.97 8.63
CA GLY B 370 -10.29 -7.22 8.63
C GLY B 370 -10.98 -6.71 7.40
N LEU B 371 -10.38 -5.75 6.69
CA LEU B 371 -11.08 -5.08 5.59
C LEU B 371 -10.98 -5.97 4.36
N GLN B 372 -12.11 -6.58 3.96
CA GLN B 372 -12.13 -7.55 2.86
C GLN B 372 -13.21 -7.32 1.82
N PRO B 373 -12.90 -7.63 0.55
CA PRO B 373 -13.93 -7.46 -0.48
C PRO B 373 -15.01 -8.56 -0.36
N SER B 374 -16.26 -8.14 -0.41
CA SER B 374 -17.40 -9.04 -0.51
C SER B 374 -17.36 -9.82 -1.81
N MET B 375 -17.70 -11.07 -1.70
CA MET B 375 -17.48 -12.01 -2.74
C MET B 375 -17.98 -11.57 -4.13
N GLY B 376 -19.04 -10.77 -4.17
CA GLY B 376 -19.60 -10.31 -5.43
C GLY B 376 -18.85 -9.11 -5.99
N MET B 377 -17.68 -8.83 -5.43
CA MET B 377 -16.85 -7.71 -5.86
C MET B 377 -15.41 -8.13 -6.04
N ALA B 378 -15.04 -9.25 -5.46
CA ALA B 378 -13.68 -9.76 -5.56
C ALA B 378 -13.58 -10.90 -6.58
N THR B 379 -14.67 -11.12 -7.31
CA THR B 379 -14.72 -12.16 -8.30
C THR B 379 -15.59 -11.73 -9.47
N THR B 380 -15.43 -12.43 -10.59
CA THR B 380 -16.08 -12.06 -11.86
C THR B 380 -17.54 -12.45 -11.75
N LEU B 381 -18.38 -11.95 -12.65
CA LEU B 381 -19.79 -12.34 -12.69
C LEU B 381 -19.96 -13.85 -12.81
N ALA B 382 -19.18 -14.47 -13.70
CA ALA B 382 -19.35 -15.88 -14.00
C ALA B 382 -19.02 -16.74 -12.80
N VAL B 383 -17.94 -16.38 -12.12
CA VAL B 383 -17.57 -17.01 -10.86
C VAL B 383 -18.66 -16.81 -9.80
N GLN B 384 -19.16 -15.59 -9.69
CA GLN B 384 -20.22 -15.33 -8.74
C GLN B 384 -21.46 -16.18 -9.05
N GLY B 385 -21.83 -16.30 -10.33
CA GLY B 385 -22.94 -17.21 -10.75
C GLY B 385 -22.74 -18.68 -10.38
N ALA B 386 -21.52 -19.12 -10.53
CA ALA B 386 -21.22 -20.50 -10.16
C ALA B 386 -21.46 -20.69 -8.68
N ILE B 387 -20.89 -19.83 -7.85
CA ILE B 387 -21.06 -19.96 -6.38
C ILE B 387 -22.57 -19.96 -5.99
N PHE B 388 -23.31 -18.99 -6.55
CA PHE B 388 -24.79 -18.89 -6.37
C PHE B 388 -25.48 -20.21 -6.65
N ASP B 389 -25.16 -20.78 -7.80
CA ASP B 389 -25.84 -22.00 -8.23
C ASP B 389 -25.57 -23.15 -7.26
N VAL B 390 -24.32 -23.31 -6.83
CA VAL B 390 -23.97 -24.35 -5.86
C VAL B 390 -24.61 -24.07 -4.50
N VAL B 391 -24.45 -22.85 -4.01
CA VAL B 391 -24.97 -22.47 -2.71
C VAL B 391 -26.49 -22.69 -2.62
N THR B 392 -27.25 -22.10 -3.54
CA THR B 392 -28.72 -22.26 -3.57
C THR B 392 -29.16 -23.71 -3.78
N ASN B 393 -28.49 -24.44 -4.64
CA ASN B 393 -28.87 -25.84 -4.87
C ASN B 393 -28.64 -26.71 -3.60
N PHE B 394 -27.66 -26.31 -2.79
CA PHE B 394 -27.36 -26.98 -1.53
C PHE B 394 -28.37 -26.60 -0.47
N LEU B 395 -28.63 -25.30 -0.34
CA LEU B 395 -29.61 -24.81 0.62
C LEU B 395 -30.97 -25.45 0.40
N ASN B 396 -31.38 -25.50 -0.87
CA ASN B 396 -32.64 -26.09 -1.27
C ASN B 396 -32.76 -27.55 -0.99
N ASP B 397 -31.64 -28.25 -0.85
CA ASP B 397 -31.68 -29.68 -0.66
C ASP B 397 -31.33 -30.10 0.75
N PRO B 398 -32.34 -30.53 1.52
CA PRO B 398 -32.08 -30.80 2.95
C PRO B 398 -31.28 -32.10 3.21
N GLN B 399 -31.11 -32.96 2.21
CA GLN B 399 -30.18 -34.11 2.31
C GLN B 399 -28.74 -33.79 1.99
N ALA B 400 -28.49 -32.65 1.34
CA ALA B 400 -27.17 -32.36 0.79
C ALA B 400 -26.08 -32.49 1.84
N GLU B 401 -24.94 -33.12 1.48
CA GLU B 401 -23.81 -33.13 2.40
C GLU B 401 -22.76 -32.07 2.14
N PRO B 402 -22.42 -31.39 3.22
CA PRO B 402 -21.36 -30.35 3.16
C PRO B 402 -19.99 -30.81 2.63
N ALA B 403 -19.60 -32.05 2.86
CA ALA B 403 -18.38 -32.62 2.26
C ALA B 403 -18.50 -32.67 0.72
N THR B 404 -19.68 -32.98 0.21
CA THR B 404 -19.88 -32.95 -1.24
C THR B 404 -19.93 -31.51 -1.74
N ALA B 405 -20.52 -30.63 -0.96
CA ALA B 405 -20.73 -29.28 -1.43
C ALA B 405 -19.44 -28.54 -1.66
N VAL B 406 -18.45 -28.73 -0.80
CA VAL B 406 -17.19 -28.01 -0.99
C VAL B 406 -16.49 -28.47 -2.29
N LYS B 407 -16.69 -29.73 -2.73
CA LYS B 407 -16.12 -30.20 -3.98
C LYS B 407 -16.82 -29.59 -5.22
N GLN B 408 -18.13 -29.47 -5.18
CA GLN B 408 -18.88 -28.72 -6.23
C GLN B 408 -18.46 -27.23 -6.28
N LEU B 409 -18.29 -26.64 -5.10
CA LEU B 409 -17.90 -25.26 -5.01
C LEU B 409 -16.61 -25.04 -5.75
N ASN B 410 -15.62 -25.88 -5.45
CA ASN B 410 -14.29 -25.75 -6.02
C ASN B 410 -14.33 -26.03 -7.51
N ALA B 411 -14.99 -27.11 -7.90
CA ALA B 411 -15.12 -27.54 -9.32
C ALA B 411 -15.84 -26.52 -10.17
N ALA B 412 -16.92 -25.97 -9.63
CA ALA B 412 -17.70 -24.97 -10.35
C ALA B 412 -16.91 -23.67 -10.52
N ILE B 413 -16.13 -23.29 -9.52
CA ILE B 413 -15.30 -22.10 -9.58
C ILE B 413 -14.17 -22.26 -10.57
N LYS B 414 -13.53 -23.43 -10.57
CA LYS B 414 -12.45 -23.70 -11.55
C LYS B 414 -12.98 -23.63 -12.96
N ALA B 415 -14.22 -24.11 -13.14
CA ALA B 415 -14.90 -24.09 -14.42
C ALA B 415 -15.46 -22.73 -14.90
N ALA B 416 -15.61 -21.76 -13.99
CA ALA B 416 -16.08 -20.45 -14.36
C ALA B 416 -14.92 -19.47 -14.70
N ARG B 417 -13.71 -19.92 -14.40
CA ARG B 417 -12.50 -19.33 -14.98
C ARG B 417 -12.20 -20.09 -16.30
#